data_2VSK
#
_entry.id   2VSK
#
_cell.length_a   56.250
_cell.length_b   106.170
_cell.length_c   196.160
_cell.angle_alpha   90.00
_cell.angle_beta   90.00
_cell.angle_gamma   90.00
#
_symmetry.space_group_name_H-M   'P 21 21 21'
#
loop_
_entity.id
_entity.type
_entity.pdbx_description
1 polymer HEMAGGLUTININ-NEURAMINIDASE
2 polymer EPHRIN-B2
#
loop_
_entity_poly.entity_id
_entity_poly.type
_entity_poly.pdbx_seq_one_letter_code
_entity_poly.pdbx_strand_id
1 'polypeptide(L)'
;ICLQKTTSTILKPRLISYTLPINTREGVCITDPLLAVDNGFFAYSHLEKIGSCTRGIAKQRIIGVGEVLDRGDKVPSMFM
TNVWTPPNPSTIHHCSSTYHEDFYYTLCAVSHVGDPILNSTSWTESLSLIRLAVRPKSDSGDYNQKYIAITKVERGKYDK
VMPYGPSGIKQGDTLYFPAVGFLPRTEFQYNDSNCPIIHCKYSKAENCRLSMGVNSKSHYILRSGLLKYNLSLGGDIILQ
FIEIADNRLTIGSPSKIYNSLGQPVFYQASYSWDTMIKLGDVDTVDPLRVQWRNNSVISRPGQSQCPRFNVCPEVCWEGT
YNDAFLIDRLNWVSAGVYLNSNQTAENPVFAVFKDNEILYQVPLAEDDTNAQKTITDCFLLENVIWCISLVEIYDTGDSV
IRPKLFAVKIPAQCSE
;
A,C
2 'polypeptide(L)'
;IVLEPIYWNSSNSKFLPGQGLVLYPQIGDKLDIICPKVDSKTVGQYEYYKVYMVDKDQADRCTIKKENTPLLNCAKPDQD
IKFTIKFQEFSPNLWGLEFQKNKDYYIISTSNGSLEGLDNQEGGVCQTRAMKILMKVG
;
B,D
#
# COMPACT_ATOMS: atom_id res chain seq x y z
N ILE A 1 39.22 25.38 -33.98
CA ILE A 1 38.41 24.44 -33.13
C ILE A 1 38.33 23.13 -33.89
N CYS A 2 38.87 22.06 -33.30
CA CYS A 2 38.90 20.73 -33.92
C CYS A 2 37.50 20.30 -34.46
N LEU A 3 37.44 19.97 -35.76
CA LEU A 3 36.23 19.51 -36.43
C LEU A 3 36.47 18.13 -37.08
N GLN A 4 37.66 17.56 -36.85
CA GLN A 4 38.03 16.27 -37.46
C GLN A 4 37.97 15.21 -36.37
N LYS A 5 37.45 14.05 -36.73
CA LYS A 5 37.66 12.87 -35.95
C LYS A 5 39.16 12.75 -35.71
N THR A 6 39.56 12.35 -34.52
CA THR A 6 40.98 12.10 -34.24
C THR A 6 41.18 11.49 -32.84
N THR A 7 42.10 10.54 -32.74
CA THR A 7 42.43 9.92 -31.46
C THR A 7 43.62 10.59 -30.76
N SER A 8 44.24 11.55 -31.43
CA SER A 8 45.14 12.46 -30.76
C SER A 8 44.52 12.73 -29.41
N THR A 9 45.38 12.99 -28.41
CA THR A 9 44.97 13.33 -27.01
C THR A 9 44.88 14.85 -26.80
N ILE A 10 44.09 15.49 -27.63
CA ILE A 10 43.97 16.94 -27.69
C ILE A 10 43.25 17.52 -26.44
N LEU A 11 42.26 16.77 -25.91
CA LEU A 11 41.44 17.16 -24.73
C LEU A 11 42.18 16.93 -23.40
N LYS A 12 42.31 17.99 -22.59
CA LYS A 12 43.20 18.03 -21.44
C LYS A 12 42.48 18.54 -20.23
N PRO A 13 41.56 17.73 -19.66
CA PRO A 13 40.74 18.11 -18.50
C PRO A 13 41.58 18.51 -17.31
N ARG A 14 41.16 19.58 -16.61
CA ARG A 14 41.86 20.05 -15.41
C ARG A 14 40.84 20.11 -14.30
N LEU A 15 41.10 19.37 -13.23
CA LEU A 15 40.22 19.29 -12.04
C LEU A 15 40.17 20.62 -11.23
N ILE A 16 39.02 21.32 -11.21
CA ILE A 16 38.96 22.73 -10.68
C ILE A 16 38.15 22.94 -9.40
N SER A 17 38.13 21.91 -8.56
CA SER A 17 37.63 22.06 -7.17
C SER A 17 36.13 22.45 -7.14
N GLU A 26 33.98 12.56 6.75
CA GLU A 26 34.25 11.15 6.97
C GLU A 26 33.37 10.33 6.06
N GLY A 27 32.23 9.92 6.59
CA GLY A 27 31.44 8.87 6.00
C GLY A 27 30.18 9.54 5.55
N VAL A 28 30.38 10.52 4.68
CA VAL A 28 29.29 11.32 4.18
C VAL A 28 29.30 11.18 2.69
N CYS A 29 28.15 11.49 2.10
CA CYS A 29 28.01 11.52 0.70
C CYS A 29 27.36 12.86 0.34
N ILE A 30 28.04 13.61 -0.53
CA ILE A 30 27.45 14.76 -1.21
C ILE A 30 26.82 14.19 -2.45
N THR A 31 25.52 14.48 -2.60
CA THR A 31 24.78 14.14 -3.81
C THR A 31 23.66 15.13 -4.13
N ASP A 32 22.92 14.84 -5.19
CA ASP A 32 21.83 15.69 -5.64
C ASP A 32 22.37 16.98 -6.20
N PRO A 33 23.42 16.92 -7.04
CA PRO A 33 24.06 18.16 -7.43
C PRO A 33 23.33 18.92 -8.50
N LEU A 34 23.47 20.22 -8.41
CA LEU A 34 22.99 21.13 -9.41
C LEU A 34 24.18 22.00 -9.83
N LEU A 35 24.37 22.20 -11.13
CA LEU A 35 25.20 23.31 -11.55
C LEU A 35 24.52 23.93 -12.73
N ALA A 36 24.43 25.26 -12.69
CA ALA A 36 23.98 26.12 -13.79
C ALA A 36 25.04 27.17 -14.07
N VAL A 37 25.09 27.68 -15.31
CA VAL A 37 26.11 28.65 -15.67
C VAL A 37 25.59 29.71 -16.63
N ASP A 38 25.35 30.92 -16.16
CA ASP A 38 24.82 31.98 -17.03
C ASP A 38 25.75 33.17 -17.22
N ASN A 39 26.24 33.32 -18.45
CA ASN A 39 26.90 34.56 -18.92
C ASN A 39 28.14 35.01 -18.14
N GLY A 40 28.43 34.33 -17.04
CA GLY A 40 29.45 34.78 -16.12
C GLY A 40 29.24 34.30 -14.71
N PHE A 41 28.03 33.82 -14.42
CA PHE A 41 27.69 33.46 -13.08
C PHE A 41 27.25 32.02 -13.04
N PHE A 42 27.27 31.43 -11.87
CA PHE A 42 26.91 30.02 -11.72
C PHE A 42 26.03 29.84 -10.52
N ALA A 43 25.23 28.81 -10.62
CA ALA A 43 24.33 28.42 -9.57
C ALA A 43 24.83 27.05 -9.10
N TYR A 44 24.45 26.64 -7.90
CA TYR A 44 24.79 25.30 -7.46
C TYR A 44 24.05 24.91 -6.24
N SER A 45 23.82 23.59 -6.15
CA SER A 45 23.35 22.91 -4.94
C SER A 45 23.88 21.52 -4.81
N HIS A 46 23.77 21.03 -3.59
CA HIS A 46 23.92 19.63 -3.32
C HIS A 46 23.12 19.28 -2.09
N LEU A 47 23.15 18.00 -1.73
CA LEU A 47 22.72 17.59 -0.43
C LEU A 47 23.79 16.79 0.28
N GLU A 48 23.96 17.10 1.54
CA GLU A 48 24.93 16.42 2.34
C GLU A 48 24.17 15.32 3.09
N LYS A 49 24.63 14.08 2.95
CA LYS A 49 24.01 12.94 3.61
C LYS A 49 24.97 12.30 4.57
N ILE A 50 24.47 11.84 5.73
CA ILE A 50 25.28 10.98 6.63
C ILE A 50 25.25 9.54 6.14
N GLY A 51 26.30 9.14 5.43
CA GLY A 51 26.45 7.78 4.93
C GLY A 51 25.98 7.64 3.50
N SER A 52 25.27 6.53 3.23
CA SER A 52 24.85 6.13 1.87
C SER A 52 24.33 7.28 1.03
N CYS A 53 24.75 7.33 -0.22
CA CYS A 53 24.31 8.39 -1.14
C CYS A 53 22.81 8.39 -1.38
N THR A 54 22.17 7.28 -1.06
CA THR A 54 20.77 7.09 -1.31
C THR A 54 19.91 7.29 -0.03
N ARG A 55 20.32 6.65 1.06
CA ARG A 55 19.47 6.60 2.24
C ARG A 55 19.97 7.47 3.40
N GLY A 56 21.28 7.57 3.55
CA GLY A 56 21.90 8.24 4.70
C GLY A 56 21.16 9.49 5.18
N ILE A 57 21.25 9.78 6.47
CA ILE A 57 20.54 10.92 7.08
C ILE A 57 21.02 12.19 6.42
N ALA A 58 20.06 13.03 6.02
CA ALA A 58 20.34 14.20 5.22
C ALA A 58 20.93 15.28 6.13
N LYS A 59 22.19 15.59 5.94
CA LYS A 59 22.83 16.55 6.80
C LYS A 59 22.30 17.94 6.54
N GLN A 60 22.66 18.52 5.40
CA GLN A 60 22.39 19.94 5.12
C GLN A 60 22.37 20.30 3.65
N ARG A 61 21.23 20.83 3.22
CA ARG A 61 21.01 21.24 1.85
C ARG A 61 21.73 22.56 1.59
N ILE A 62 22.38 22.70 0.46
CA ILE A 62 22.89 24.00 0.13
C ILE A 62 22.39 24.44 -1.22
N ILE A 63 22.38 25.74 -1.37
CA ILE A 63 22.07 26.34 -2.61
C ILE A 63 22.91 27.62 -2.66
N GLY A 64 23.75 27.71 -3.66
CA GLY A 64 24.64 28.82 -3.73
C GLY A 64 24.82 29.26 -5.16
N VAL A 65 25.41 30.45 -5.26
CA VAL A 65 25.64 31.11 -6.52
C VAL A 65 26.96 31.87 -6.44
N GLY A 66 27.50 32.21 -7.59
CA GLY A 66 28.74 32.96 -7.58
C GLY A 66 29.22 33.13 -8.99
N GLU A 67 30.48 33.53 -9.11
CA GLU A 67 31.04 33.89 -10.39
C GLU A 67 32.08 32.95 -10.93
N VAL A 68 32.10 32.84 -12.26
CA VAL A 68 33.05 31.96 -12.92
C VAL A 68 34.13 32.82 -13.51
N LEU A 69 35.27 32.79 -12.82
CA LEU A 69 36.34 33.76 -13.02
C LEU A 69 37.60 33.06 -13.46
N ASP A 70 38.18 33.58 -14.54
CA ASP A 70 39.56 33.31 -14.97
C ASP A 70 40.51 34.18 -14.16
N ARG A 71 41.68 33.68 -13.81
CA ARG A 71 42.72 34.60 -13.34
C ARG A 71 43.73 34.80 -14.49
N GLY A 72 44.92 34.27 -14.27
CA GLY A 72 46.07 34.63 -15.08
C GLY A 72 46.44 33.49 -15.99
N ASP A 73 46.12 32.29 -15.54
CA ASP A 73 46.41 31.08 -16.29
C ASP A 73 45.27 30.80 -17.29
N LYS A 74 44.29 31.70 -17.29
CA LYS A 74 43.19 31.62 -18.25
C LYS A 74 42.50 30.31 -18.07
N VAL A 75 42.58 29.72 -16.88
CA VAL A 75 41.67 28.66 -16.53
C VAL A 75 40.63 29.43 -15.77
N PRO A 76 39.34 29.17 -16.02
CA PRO A 76 38.29 29.65 -15.12
C PRO A 76 38.30 28.98 -13.72
N SER A 77 37.56 29.57 -12.78
CA SER A 77 37.45 28.97 -11.44
C SER A 77 36.21 29.40 -10.66
N MET A 78 35.92 28.60 -9.62
CA MET A 78 34.67 28.71 -8.85
C MET A 78 34.92 29.76 -7.80
N PHE A 79 34.02 30.73 -7.75
CA PHE A 79 34.02 31.79 -6.73
C PHE A 79 32.63 32.02 -6.18
N MET A 80 32.13 31.05 -5.37
CA MET A 80 30.82 31.13 -4.65
C MET A 80 30.69 32.49 -4.01
N THR A 81 29.55 33.15 -4.19
CA THR A 81 29.34 34.48 -3.59
C THR A 81 28.37 34.37 -2.44
N ASN A 82 27.30 33.63 -2.65
CA ASN A 82 26.17 33.75 -1.79
C ASN A 82 25.75 32.33 -1.61
N VAL A 83 25.37 31.97 -0.41
CA VAL A 83 25.06 30.59 -0.16
C VAL A 83 23.93 30.49 0.79
N TRP A 84 23.05 29.54 0.55
CA TRP A 84 21.79 29.47 1.30
C TRP A 84 21.44 28.10 1.82
N THR A 85 21.07 28.03 3.10
CA THR A 85 20.67 26.77 3.69
C THR A 85 19.22 26.79 4.09
N PRO A 86 18.42 25.88 3.53
CA PRO A 86 17.09 25.75 4.14
C PRO A 86 17.18 25.15 5.57
N PRO A 87 16.16 25.44 6.41
CA PRO A 87 16.07 25.10 7.83
C PRO A 87 15.88 23.62 8.18
N ASN A 88 15.31 22.87 7.24
CA ASN A 88 15.31 21.42 7.27
C ASN A 88 15.73 20.92 5.89
N PRO A 89 16.78 20.07 5.79
CA PRO A 89 17.26 19.71 4.47
C PRO A 89 16.54 18.48 3.93
N SER A 90 15.57 18.00 4.69
CA SER A 90 14.84 16.78 4.36
C SER A 90 13.75 17.01 3.30
N THR A 91 13.26 18.24 3.22
CA THR A 91 12.00 18.49 2.56
C THR A 91 12.08 19.28 1.28
N ILE A 92 13.29 19.69 0.90
CA ILE A 92 13.48 20.33 -0.40
C ILE A 92 13.95 19.29 -1.42
N HIS A 93 13.49 19.37 -2.66
CA HIS A 93 13.87 18.37 -3.65
C HIS A 93 13.85 18.93 -5.07
N HIS A 94 14.64 18.29 -5.93
CA HIS A 94 14.68 18.56 -7.37
C HIS A 94 14.75 20.03 -7.78
N CYS A 95 15.66 20.75 -7.18
CA CYS A 95 15.80 22.15 -7.48
C CYS A 95 16.33 22.37 -8.89
N SER A 96 16.04 23.54 -9.43
CA SER A 96 16.48 23.93 -10.77
C SER A 96 16.59 25.44 -10.86
N SER A 97 17.58 25.94 -11.61
CA SER A 97 17.95 27.37 -11.55
C SER A 97 18.07 28.05 -12.91
N THR A 98 17.34 29.14 -13.07
CA THR A 98 17.40 29.94 -14.28
C THR A 98 17.84 31.33 -13.78
N TYR A 99 18.90 31.87 -14.39
CA TYR A 99 19.47 33.20 -14.01
C TYR A 99 18.58 34.30 -14.58
N HIS A 100 18.52 35.47 -13.93
CA HIS A 100 17.87 36.66 -14.56
C HIS A 100 18.26 38.03 -13.92
N GLU A 101 18.66 38.99 -14.79
CA GLU A 101 18.99 40.39 -14.38
C GLU A 101 19.60 40.40 -12.98
N ASP A 102 20.82 39.91 -12.87
CA ASP A 102 21.52 39.98 -11.61
C ASP A 102 20.89 39.10 -10.49
N PHE A 103 20.15 38.06 -10.88
CA PHE A 103 19.81 36.92 -10.00
C PHE A 103 19.90 35.56 -10.70
N TYR A 104 20.12 34.53 -9.88
CA TYR A 104 19.66 33.18 -10.19
C TYR A 104 18.44 32.93 -9.32
N TYR A 105 17.44 32.42 -9.99
CA TYR A 105 16.23 32.03 -9.35
C TYR A 105 16.29 30.54 -9.35
N THR A 106 15.88 29.90 -8.26
CA THR A 106 15.97 28.44 -8.24
C THR A 106 14.74 27.80 -7.65
N LEU A 107 14.12 26.97 -8.47
CA LEU A 107 12.87 26.38 -8.18
C LEU A 107 13.09 25.01 -7.59
N CYS A 108 12.86 24.91 -6.29
CA CYS A 108 12.85 23.63 -5.61
C CYS A 108 11.42 23.29 -5.45
N ALA A 109 11.17 22.03 -5.15
CA ALA A 109 9.89 21.64 -4.62
C ALA A 109 10.08 21.34 -3.17
N VAL A 110 8.96 21.28 -2.45
CA VAL A 110 8.92 21.03 -1.00
C VAL A 110 8.29 19.67 -0.79
N SER A 111 8.70 18.91 0.23
CA SER A 111 7.92 17.70 0.59
C SER A 111 7.95 17.19 2.02
N HIS A 112 6.75 16.76 2.45
CA HIS A 112 6.45 16.21 3.75
C HIS A 112 6.71 14.69 3.66
N VAL A 113 6.71 14.14 2.46
CA VAL A 113 6.59 12.68 2.27
C VAL A 113 7.74 11.99 1.49
N GLY A 114 8.86 12.68 1.36
CA GLY A 114 10.03 12.14 0.65
C GLY A 114 9.97 12.48 -0.82
N ASP A 115 10.95 12.00 -1.57
CA ASP A 115 11.15 12.38 -2.97
C ASP A 115 9.88 12.11 -3.80
N PRO A 116 9.23 13.17 -4.31
CA PRO A 116 7.89 13.00 -4.88
C PRO A 116 7.80 11.99 -6.04
N ILE A 117 8.88 11.87 -6.79
CA ILE A 117 8.95 10.94 -7.89
C ILE A 117 8.61 9.57 -7.35
N LEU A 118 8.98 9.29 -6.11
CA LEU A 118 8.78 7.97 -5.52
C LEU A 118 7.69 7.83 -4.47
N ASN A 119 7.00 8.91 -4.16
CA ASN A 119 5.83 8.82 -3.34
C ASN A 119 4.90 9.96 -3.79
N SER A 120 4.65 9.92 -5.09
CA SER A 120 3.97 10.98 -5.86
C SER A 120 2.54 11.16 -5.40
N THR A 121 1.84 10.02 -5.34
CA THR A 121 0.43 9.98 -4.94
C THR A 121 0.18 10.66 -3.58
N SER A 122 1.19 10.68 -2.69
CA SER A 122 1.03 11.30 -1.39
C SER A 122 1.62 12.72 -1.31
N TRP A 123 2.14 13.22 -2.42
CA TRP A 123 2.81 14.52 -2.47
C TRP A 123 1.85 15.68 -2.63
N THR A 124 1.65 16.48 -1.57
CA THR A 124 1.14 17.85 -1.76
C THR A 124 1.93 18.48 -2.90
N GLU A 125 1.26 19.13 -3.84
CA GLU A 125 1.99 19.68 -4.99
C GLU A 125 2.53 21.06 -4.67
N SER A 126 3.42 21.09 -3.69
CA SER A 126 3.85 22.32 -3.02
C SER A 126 5.14 22.79 -3.65
N LEU A 127 5.29 24.09 -3.87
CA LEU A 127 6.55 24.60 -4.40
C LEU A 127 7.08 25.83 -3.70
N SER A 128 8.30 26.21 -4.05
CA SER A 128 8.96 27.37 -3.48
C SER A 128 10.18 27.75 -4.32
N LEU A 129 10.36 29.04 -4.54
CA LEU A 129 11.48 29.49 -5.31
C LEU A 129 12.32 30.35 -4.45
N ILE A 130 13.65 30.27 -4.67
CA ILE A 130 14.66 31.13 -4.01
C ILE A 130 15.51 31.92 -4.99
N ARG A 131 15.46 33.24 -4.85
CA ARG A 131 16.27 34.14 -5.67
C ARG A 131 17.47 34.55 -4.86
N LEU A 132 18.66 34.37 -5.42
CA LEU A 132 19.90 34.69 -4.70
C LEU A 132 20.71 35.69 -5.51
N ALA A 133 21.07 36.81 -4.92
CA ALA A 133 21.83 37.78 -5.66
C ALA A 133 23.17 37.11 -5.92
N VAL A 134 23.71 37.35 -7.12
CA VAL A 134 25.06 36.92 -7.45
C VAL A 134 26.14 37.91 -6.93
N ARG A 135 25.77 39.17 -6.74
CA ARG A 135 26.75 40.18 -6.34
C ARG A 135 26.32 40.89 -5.07
N PRO A 136 26.08 40.12 -4.01
CA PRO A 136 25.14 40.51 -2.95
C PRO A 136 25.35 41.90 -2.38
N ASP A 142 17.74 41.91 2.17
CA ASP A 142 17.17 40.84 1.37
C ASP A 142 17.29 40.97 -0.13
N TYR A 143 18.02 41.97 -0.62
CA TYR A 143 18.49 41.95 -2.00
C TYR A 143 19.31 40.67 -2.19
N ASN A 144 20.07 40.30 -1.18
CA ASN A 144 20.89 39.14 -1.34
C ASN A 144 20.01 37.92 -1.47
N GLN A 145 19.13 37.71 -0.51
CA GLN A 145 18.41 36.43 -0.41
C GLN A 145 16.91 36.65 -0.17
N LYS A 146 16.08 35.99 -1.00
CA LYS A 146 14.59 35.95 -0.88
C LYS A 146 14.01 34.55 -1.05
N TYR A 147 12.87 34.34 -0.39
CA TYR A 147 12.08 33.13 -0.50
C TYR A 147 10.68 33.45 -1.00
N ILE A 148 10.11 32.50 -1.73
CA ILE A 148 8.72 32.59 -2.12
C ILE A 148 8.07 31.19 -2.02
N ALA A 149 6.86 31.16 -1.46
CA ALA A 149 6.04 29.96 -1.42
C ALA A 149 5.02 30.12 -2.56
N ILE A 150 5.28 29.43 -3.69
CA ILE A 150 4.45 29.55 -4.89
C ILE A 150 3.05 29.13 -4.54
N THR A 151 2.09 29.99 -4.90
CA THR A 151 0.71 29.89 -4.43
C THR A 151 -0.22 29.55 -5.58
N LYS A 152 0.07 30.15 -6.74
CA LYS A 152 -0.69 29.89 -7.95
C LYS A 152 0.17 29.10 -8.94
N VAL A 153 -0.35 28.00 -9.45
CA VAL A 153 0.36 27.18 -10.42
C VAL A 153 -0.64 26.63 -11.42
N GLU A 154 -0.45 27.04 -12.67
CA GLU A 154 -1.32 26.65 -13.76
C GLU A 154 -0.73 25.45 -14.44
N ARG A 155 -1.42 24.32 -14.44
CA ARG A 155 -0.87 23.14 -15.11
C ARG A 155 -1.82 22.35 -16.00
N GLY A 156 -3.08 22.75 -16.06
CA GLY A 156 -3.93 22.37 -17.20
C GLY A 156 -4.74 21.12 -17.01
N LYS A 157 -4.20 19.97 -17.33
CA LYS A 157 -4.86 18.74 -16.94
C LYS A 157 -4.05 18.08 -15.81
N TYR A 158 -2.72 18.24 -15.85
CA TYR A 158 -1.82 17.56 -14.92
C TYR A 158 -2.28 17.81 -13.49
N ASP A 159 -2.37 16.73 -12.70
CA ASP A 159 -2.84 16.83 -11.34
C ASP A 159 -1.89 17.76 -10.64
N LYS A 160 -0.60 17.61 -10.87
CA LYS A 160 0.39 18.44 -10.20
C LYS A 160 1.66 18.44 -10.97
N VAL A 161 2.44 19.51 -10.91
CA VAL A 161 3.71 19.71 -11.63
C VAL A 161 4.82 20.09 -10.68
N MET A 162 6.04 19.98 -11.18
CA MET A 162 7.23 20.08 -10.35
C MET A 162 8.50 20.20 -11.23
N PRO A 163 9.47 20.99 -10.82
CA PRO A 163 10.69 21.07 -11.61
C PRO A 163 11.28 19.74 -11.87
N TYR A 164 12.03 19.59 -12.97
CA TYR A 164 12.70 18.32 -13.26
C TYR A 164 13.91 18.46 -14.18
N GLY A 165 14.99 18.96 -13.57
CA GLY A 165 16.31 19.09 -14.20
C GLY A 165 17.14 20.15 -13.48
N PRO A 166 18.41 20.30 -13.85
CA PRO A 166 19.24 21.32 -13.22
C PRO A 166 18.92 22.79 -13.57
N SER A 167 18.91 23.15 -14.85
CA SER A 167 18.88 24.57 -15.25
C SER A 167 17.93 24.92 -16.38
N GLY A 168 17.52 26.17 -16.45
CA GLY A 168 16.67 26.66 -17.52
C GLY A 168 17.30 27.83 -18.27
N ILE A 169 16.44 28.72 -18.79
CA ILE A 169 16.88 29.98 -19.49
C ILE A 169 15.84 31.07 -19.41
N LYS A 170 16.27 32.28 -19.78
CA LYS A 170 15.41 33.51 -19.81
C LYS A 170 14.96 34.01 -21.18
N GLN A 171 13.81 34.65 -21.17
CA GLN A 171 13.26 35.20 -22.36
C GLN A 171 12.66 36.57 -22.03
N GLY A 172 13.42 37.63 -22.36
CA GLY A 172 13.04 38.96 -21.93
C GLY A 172 12.72 38.84 -20.44
N ASP A 173 11.45 38.92 -20.10
CA ASP A 173 11.06 38.87 -18.68
C ASP A 173 10.46 37.52 -18.32
N THR A 174 11.00 36.43 -18.82
CA THR A 174 10.38 35.21 -18.45
C THR A 174 11.33 34.06 -18.35
N LEU A 175 11.21 33.37 -17.23
CA LEU A 175 12.07 32.25 -16.98
C LEU A 175 11.41 30.99 -17.50
N TYR A 176 12.25 30.02 -17.80
CA TYR A 176 11.77 28.74 -18.14
C TYR A 176 12.65 27.75 -17.43
N PHE A 177 12.01 26.92 -16.61
CA PHE A 177 12.63 25.78 -15.92
C PHE A 177 12.23 24.47 -16.60
N PRO A 178 13.14 23.52 -16.58
CA PRO A 178 12.67 22.20 -16.84
C PRO A 178 11.87 21.65 -15.64
N ALA A 179 10.81 20.95 -15.99
CA ALA A 179 9.80 20.45 -15.07
C ALA A 179 9.13 19.25 -15.70
N VAL A 180 8.13 18.71 -14.99
CA VAL A 180 7.50 17.47 -15.37
C VAL A 180 6.07 17.49 -14.91
N GLY A 181 5.21 16.84 -15.68
CA GLY A 181 3.78 16.74 -15.36
C GLY A 181 3.39 15.32 -15.05
N PHE A 182 2.48 15.17 -14.09
CA PHE A 182 2.08 13.87 -13.56
C PHE A 182 0.60 13.71 -13.88
N LEU A 183 0.33 13.13 -15.04
CA LEU A 183 -1.03 12.85 -15.51
C LEU A 183 -1.39 11.43 -15.08
N PRO A 184 -2.63 11.18 -14.64
CA PRO A 184 -2.87 9.79 -14.34
C PRO A 184 -3.21 9.16 -15.67
N ARG A 185 -2.68 7.97 -15.95
CA ARG A 185 -2.92 7.38 -17.28
C ARG A 185 -4.40 7.07 -17.52
N THR A 186 -5.14 6.89 -16.43
CA THR A 186 -6.59 6.89 -16.51
C THR A 186 -7.08 8.00 -17.43
N GLU A 187 -6.25 9.04 -17.65
CA GLU A 187 -6.55 10.14 -18.55
C GLU A 187 -5.53 10.31 -19.68
N PHE A 188 -4.50 9.47 -19.71
CA PHE A 188 -3.38 9.65 -20.61
C PHE A 188 -3.68 9.03 -21.96
N GLN A 189 -3.52 9.83 -22.99
CA GLN A 189 -3.92 9.48 -24.34
C GLN A 189 -2.69 9.11 -25.19
N TYR A 190 -2.59 7.80 -25.50
CA TYR A 190 -1.54 7.25 -26.36
C TYR A 190 -2.06 6.16 -27.27
N ASN A 191 -1.78 6.28 -28.59
CA ASN A 191 -2.10 5.22 -29.54
C ASN A 191 -0.95 4.20 -29.62
N ASP A 192 -1.23 2.97 -29.22
CA ASP A 192 -0.23 1.90 -29.15
C ASP A 192 0.39 1.54 -30.47
N SER A 193 -0.32 1.80 -31.56
CA SER A 193 0.20 1.58 -32.91
C SER A 193 1.44 2.46 -33.21
N ASN A 194 1.51 3.62 -32.56
CA ASN A 194 2.64 4.50 -32.68
C ASN A 194 3.89 3.98 -31.92
N CYS A 195 3.70 3.01 -31.03
CA CYS A 195 4.82 2.47 -30.28
C CYS A 195 5.69 1.71 -31.27
N PRO A 196 6.89 2.24 -31.54
CA PRO A 196 7.67 1.66 -32.65
C PRO A 196 8.44 0.39 -32.27
N ILE A 197 7.89 -0.76 -32.64
CA ILE A 197 8.45 -2.08 -32.30
C ILE A 197 8.81 -2.86 -33.58
N ILE A 198 8.72 -2.23 -34.75
CA ILE A 198 8.73 -3.04 -35.97
C ILE A 198 10.00 -3.91 -36.16
N HIS A 199 11.18 -3.45 -35.75
CA HIS A 199 12.38 -4.29 -35.86
C HIS A 199 12.70 -4.97 -34.53
N CYS A 200 11.70 -5.02 -33.64
CA CYS A 200 11.92 -5.46 -32.27
C CYS A 200 11.18 -6.74 -31.96
N LYS A 201 11.82 -7.87 -32.27
CA LYS A 201 11.17 -9.18 -32.18
C LYS A 201 10.23 -9.30 -30.99
N TYR A 202 10.73 -8.97 -29.79
CA TYR A 202 10.08 -9.31 -28.53
C TYR A 202 9.27 -8.21 -27.93
N SER A 203 9.45 -7.00 -28.46
CA SER A 203 8.88 -5.84 -27.81
C SER A 203 7.40 -5.71 -28.19
N LYS A 204 6.55 -5.65 -27.16
CA LYS A 204 5.09 -5.53 -27.31
C LYS A 204 4.65 -4.07 -27.54
N ALA A 205 3.38 -3.86 -27.85
CA ALA A 205 2.88 -2.53 -28.22
C ALA A 205 2.57 -1.63 -26.98
N GLU A 206 2.09 -2.25 -25.91
CA GLU A 206 1.74 -1.46 -24.74
C GLU A 206 3.01 -0.91 -24.12
N ASN A 207 4.16 -1.52 -24.44
CA ASN A 207 5.46 -1.07 -23.90
C ASN A 207 5.55 0.44 -23.63
N CYS A 208 5.45 1.20 -24.71
CA CYS A 208 5.72 2.60 -24.62
C CYS A 208 4.85 3.20 -23.56
N ARG A 209 3.56 2.96 -23.66
CA ARG A 209 2.56 3.49 -22.73
C ARG A 209 2.75 3.08 -21.24
N LEU A 210 2.90 1.78 -20.98
CA LEU A 210 3.33 1.31 -19.67
C LEU A 210 4.62 2.06 -19.16
N SER A 211 5.56 2.23 -20.09
CA SER A 211 6.88 2.79 -19.79
C SER A 211 6.88 4.29 -19.59
N MET A 212 5.71 4.91 -19.71
CA MET A 212 5.58 6.31 -19.34
C MET A 212 5.45 6.48 -17.82
N GLY A 213 5.31 5.37 -17.08
CA GLY A 213 5.27 5.40 -15.62
C GLY A 213 6.39 4.58 -15.00
N VAL A 214 6.53 4.75 -13.70
CA VAL A 214 7.50 4.00 -12.90
C VAL A 214 7.18 2.48 -12.80
N ASN A 215 5.97 2.20 -12.32
CA ASN A 215 5.34 0.90 -12.49
C ASN A 215 4.49 0.94 -13.75
N SER A 216 4.38 -0.17 -14.47
CA SER A 216 3.46 -0.23 -15.64
C SER A 216 2.06 0.00 -15.16
N LYS A 217 1.83 -0.30 -13.89
CA LYS A 217 0.57 -0.07 -13.24
C LYS A 217 0.45 1.32 -12.57
N SER A 218 1.57 2.04 -12.41
CA SER A 218 1.62 3.32 -11.67
C SER A 218 0.36 4.17 -11.75
N HIS A 219 0.07 4.93 -10.70
CA HIS A 219 -1.06 5.83 -10.71
C HIS A 219 -0.95 6.90 -11.76
N TYR A 220 0.24 7.50 -11.89
CA TYR A 220 0.50 8.60 -12.84
C TYR A 220 1.42 8.12 -13.91
N ILE A 221 1.55 8.93 -14.97
CA ILE A 221 2.74 8.93 -15.87
C ILE A 221 3.43 10.27 -15.73
N LEU A 222 4.67 10.32 -16.21
CA LEU A 222 5.53 11.52 -16.09
C LEU A 222 5.78 12.12 -17.46
N ARG A 223 5.21 13.28 -17.72
CA ARG A 223 5.40 13.91 -18.99
C ARG A 223 6.35 15.06 -18.76
N SER A 224 7.34 15.17 -19.65
CA SER A 224 8.32 16.26 -19.60
C SER A 224 7.85 17.58 -20.28
N GLY A 225 8.41 18.70 -19.79
CA GLY A 225 8.00 20.07 -20.18
C GLY A 225 8.76 21.21 -19.51
N LEU A 226 8.18 22.40 -19.53
CA LEU A 226 8.77 23.60 -18.94
C LEU A 226 7.80 24.21 -17.96
N LEU A 227 8.32 24.83 -16.91
CA LEU A 227 7.47 25.60 -16.02
C LEU A 227 7.76 27.06 -16.38
N LYS A 228 6.68 27.80 -16.73
CA LYS A 228 6.75 29.18 -17.24
C LYS A 228 6.63 30.21 -16.10
N TYR A 229 7.55 31.17 -16.04
CA TYR A 229 7.55 32.14 -14.94
C TYR A 229 7.89 33.56 -15.38
N ASN A 230 6.83 34.34 -15.54
CA ASN A 230 6.89 35.67 -16.11
C ASN A 230 7.12 36.80 -15.07
N LEU A 231 8.33 37.34 -15.05
CA LEU A 231 8.65 38.38 -14.09
C LEU A 231 7.92 39.67 -14.39
N SER A 232 7.44 39.84 -15.61
CA SER A 232 6.61 41.00 -15.93
C SER A 232 5.19 41.00 -15.31
N LEU A 233 4.89 39.98 -14.50
CA LEU A 233 3.67 39.93 -13.73
C LEU A 233 3.67 40.95 -12.59
N ILE A 237 3.81 35.18 -7.96
CA ILE A 237 3.67 35.19 -9.42
C ILE A 237 3.43 33.74 -9.86
N ILE A 238 2.49 33.56 -10.82
CA ILE A 238 2.03 32.25 -11.30
C ILE A 238 3.03 31.49 -12.16
N LEU A 239 3.14 30.19 -11.89
CA LEU A 239 3.92 29.25 -12.73
C LEU A 239 2.96 28.46 -13.59
N GLN A 240 3.38 28.16 -14.82
CA GLN A 240 2.48 27.54 -15.81
C GLN A 240 3.14 26.42 -16.54
N PHE A 241 2.57 25.23 -16.45
CA PHE A 241 3.17 24.04 -17.06
C PHE A 241 3.03 24.10 -18.60
N ILE A 242 4.10 23.80 -19.32
CA ILE A 242 4.03 23.59 -20.75
C ILE A 242 4.58 22.19 -21.01
N GLU A 243 3.77 21.32 -21.60
CA GLU A 243 4.22 19.96 -21.83
C GLU A 243 5.07 19.87 -23.12
N ILE A 244 5.98 18.89 -23.13
CA ILE A 244 6.80 18.61 -24.29
C ILE A 244 5.95 17.91 -25.35
N ALA A 245 6.23 18.21 -26.62
CA ALA A 245 5.54 17.62 -27.76
C ALA A 245 5.63 16.13 -27.61
N ASP A 246 4.62 15.40 -28.07
CA ASP A 246 4.62 13.91 -27.98
C ASP A 246 5.72 13.19 -28.76
N ASN A 247 6.62 13.95 -29.36
CA ASN A 247 7.50 13.44 -30.39
C ASN A 247 8.73 12.83 -29.81
N ARG A 248 9.01 11.57 -30.13
CA ARG A 248 10.00 10.75 -29.43
C ARG A 248 9.73 10.94 -27.96
N LEU A 249 8.54 10.45 -27.57
CA LEU A 249 8.00 10.59 -26.23
C LEU A 249 8.68 9.59 -25.38
N THR A 250 9.25 10.06 -24.28
CA THR A 250 9.80 9.18 -23.24
C THR A 250 9.32 9.67 -21.88
N ILE A 251 9.21 8.76 -20.94
CA ILE A 251 8.83 9.13 -19.59
C ILE A 251 9.55 10.42 -19.16
N GLY A 252 8.87 11.19 -18.33
CA GLY A 252 9.43 12.35 -17.68
C GLY A 252 10.82 12.02 -17.18
N SER A 253 11.74 12.94 -17.35
CA SER A 253 13.11 12.77 -16.89
C SER A 253 13.75 14.11 -16.55
N PRO A 254 14.66 14.10 -15.59
CA PRO A 254 15.44 15.29 -15.45
C PRO A 254 16.01 15.74 -16.79
N SER A 255 15.81 17.02 -17.10
CA SER A 255 16.17 17.55 -18.40
C SER A 255 16.52 19.01 -18.26
N LYS A 256 17.10 19.59 -19.29
CA LYS A 256 17.61 20.96 -19.24
C LYS A 256 17.50 21.66 -20.58
N ILE A 257 16.92 22.84 -20.57
CA ILE A 257 16.93 23.70 -21.73
C ILE A 257 18.02 24.73 -21.49
N TYR A 258 18.76 25.10 -22.52
CA TYR A 258 19.86 26.05 -22.36
C TYR A 258 20.20 26.74 -23.66
N ASN A 259 20.41 28.05 -23.57
CA ASN A 259 20.73 28.88 -24.72
C ASN A 259 22.10 28.53 -25.25
N SER A 260 22.24 28.40 -26.55
CA SER A 260 23.54 28.21 -27.12
C SER A 260 23.55 28.92 -28.43
N LEU A 261 24.66 29.61 -28.69
CA LEU A 261 24.92 30.28 -29.95
C LEU A 261 23.66 30.96 -30.56
N GLY A 262 22.83 31.54 -29.69
CA GLY A 262 21.64 32.31 -30.13
C GLY A 262 20.25 31.72 -30.00
N GLN A 263 20.13 30.38 -30.00
CA GLN A 263 18.84 29.67 -29.83
C GLN A 263 19.08 28.66 -28.73
N PRO A 264 18.01 28.20 -28.04
CA PRO A 264 18.16 27.19 -27.00
C PRO A 264 18.10 25.76 -27.52
N VAL A 265 18.70 24.86 -26.78
CA VAL A 265 18.76 23.45 -27.13
C VAL A 265 18.35 22.71 -25.86
N PHE A 266 17.53 21.68 -26.04
CA PHE A 266 16.92 20.96 -24.95
C PHE A 266 17.63 19.62 -24.78
N TYR A 267 17.57 19.06 -23.58
CA TYR A 267 18.05 17.70 -23.36
C TYR A 267 17.20 16.93 -22.36
N GLN A 268 16.85 15.70 -22.70
CA GLN A 268 16.08 14.87 -21.79
C GLN A 268 16.92 13.68 -21.43
N ALA A 269 16.91 13.33 -20.15
CA ALA A 269 17.58 12.10 -19.71
C ALA A 269 16.83 10.89 -20.26
N SER A 270 17.61 9.90 -20.68
CA SER A 270 17.08 8.71 -21.32
C SER A 270 16.79 7.65 -20.24
N TYR A 271 15.74 7.89 -19.45
CA TYR A 271 15.47 7.15 -18.21
C TYR A 271 14.68 5.79 -18.34
N SER A 272 14.29 5.47 -19.56
CA SER A 272 13.65 4.20 -19.90
C SER A 272 14.17 3.75 -21.26
N TRP A 273 13.46 2.85 -21.94
CA TRP A 273 14.01 2.10 -23.06
C TRP A 273 14.75 2.89 -24.17
N ASP A 274 14.36 4.13 -24.51
CA ASP A 274 15.11 4.88 -25.53
C ASP A 274 16.43 5.38 -24.94
N THR A 275 17.48 4.60 -25.12
CA THR A 275 18.72 4.81 -24.42
C THR A 275 19.72 5.55 -25.27
N MET A 276 19.34 5.92 -26.49
CA MET A 276 20.14 6.86 -27.30
C MET A 276 19.97 8.24 -26.68
N ILE A 277 20.92 9.14 -26.94
CA ILE A 277 20.85 10.49 -26.35
C ILE A 277 19.67 11.35 -26.86
N LYS A 278 18.92 11.91 -25.92
CA LYS A 278 17.80 12.80 -26.23
C LYS A 278 18.24 14.24 -26.06
N LEU A 279 18.59 14.89 -27.16
CA LEU A 279 18.86 16.34 -27.12
C LEU A 279 18.43 16.98 -28.41
N GLY A 280 18.36 18.31 -28.43
CA GLY A 280 18.13 19.04 -29.68
C GLY A 280 17.64 20.48 -29.59
N ASP A 281 17.78 21.18 -30.71
CA ASP A 281 17.29 22.54 -30.82
C ASP A 281 15.79 22.65 -30.64
N VAL A 282 15.38 23.60 -29.81
CA VAL A 282 13.98 23.85 -29.54
C VAL A 282 13.41 24.67 -30.70
N ASP A 283 12.35 24.16 -31.32
CA ASP A 283 11.76 24.80 -32.51
C ASP A 283 10.71 25.83 -32.05
N THR A 284 9.87 25.44 -31.08
CA THR A 284 9.04 26.38 -30.30
C THR A 284 9.20 26.09 -28.84
N VAL A 285 9.14 27.16 -28.03
CA VAL A 285 9.23 27.05 -26.58
C VAL A 285 7.87 26.73 -25.98
N ASP A 286 6.84 27.49 -26.36
CA ASP A 286 5.48 27.16 -25.89
C ASP A 286 4.37 27.16 -26.99
N PRO A 287 3.91 25.95 -27.40
CA PRO A 287 4.22 24.59 -26.87
C PRO A 287 5.63 24.10 -27.15
N LEU A 288 6.08 23.14 -26.36
CA LEU A 288 7.48 22.76 -26.42
C LEU A 288 7.84 21.71 -27.48
N ARG A 289 8.35 22.19 -28.61
CA ARG A 289 8.87 21.29 -29.69
C ARG A 289 10.40 21.28 -29.73
N VAL A 290 10.95 20.07 -29.72
CA VAL A 290 12.38 19.85 -29.80
C VAL A 290 12.73 18.97 -30.98
N GLN A 291 13.44 19.54 -31.97
CA GLN A 291 13.91 18.75 -33.13
C GLN A 291 15.05 17.80 -32.69
N TRP A 292 14.65 16.76 -31.94
CA TRP A 292 15.58 15.74 -31.40
C TRP A 292 16.52 15.24 -32.48
N ARG A 293 17.81 15.14 -32.16
CA ARG A 293 18.78 14.61 -33.11
C ARG A 293 18.56 13.09 -33.28
N ASN A 294 18.76 12.62 -34.51
CA ASN A 294 18.88 11.18 -34.74
C ASN A 294 20.37 10.81 -34.56
N ASN A 295 20.78 10.73 -33.28
CA ASN A 295 22.15 10.48 -32.85
C ASN A 295 22.32 9.03 -32.48
N SER A 296 23.38 8.44 -33.02
CA SER A 296 23.58 7.01 -32.97
C SER A 296 24.80 6.57 -32.13
N VAL A 297 25.52 7.52 -31.52
CA VAL A 297 26.75 7.17 -30.81
C VAL A 297 26.62 7.29 -29.27
N ILE A 298 25.99 8.35 -28.77
CA ILE A 298 25.89 8.48 -27.32
C ILE A 298 24.73 7.72 -26.73
N SER A 299 24.91 7.26 -25.51
CA SER A 299 23.87 6.57 -24.79
C SER A 299 24.19 6.76 -23.33
N ARG A 300 23.62 5.88 -22.49
CA ARG A 300 23.83 5.86 -21.03
C ARG A 300 23.80 4.43 -20.51
N PRO A 301 24.31 4.22 -19.28
CA PRO A 301 24.14 2.92 -18.58
C PRO A 301 22.72 2.68 -18.10
N GLY A 302 22.11 1.55 -18.43
CA GLY A 302 20.82 1.21 -17.83
C GLY A 302 20.98 0.10 -16.80
N GLN A 303 20.03 -0.83 -16.81
CA GLN A 303 20.27 -2.14 -16.20
C GLN A 303 19.90 -3.24 -17.19
N SER A 304 19.54 -4.41 -16.65
CA SER A 304 19.26 -5.56 -17.47
C SER A 304 18.23 -5.24 -18.52
N GLN A 305 17.14 -4.59 -18.14
CA GLN A 305 15.99 -4.49 -19.01
C GLN A 305 16.22 -3.45 -20.17
N CYS A 306 16.97 -2.40 -19.88
CA CYS A 306 17.08 -1.32 -20.85
C CYS A 306 18.49 -0.77 -20.80
N PRO A 307 19.46 -1.63 -21.06
CA PRO A 307 20.89 -1.34 -20.96
C PRO A 307 21.41 -0.55 -22.16
N ARG A 308 22.65 -0.05 -22.07
CA ARG A 308 23.27 0.72 -23.15
C ARG A 308 22.80 0.25 -24.49
N PHE A 309 22.62 1.20 -25.39
CA PHE A 309 22.26 0.92 -26.77
C PHE A 309 21.02 0.05 -26.97
N ASN A 310 20.14 0.03 -25.98
CA ASN A 310 18.80 -0.45 -26.22
C ASN A 310 17.98 0.61 -27.01
N VAL A 311 17.39 0.20 -28.14
CA VAL A 311 16.45 1.04 -28.90
C VAL A 311 15.03 0.48 -28.80
N CYS A 312 14.93 -0.80 -28.46
CA CYS A 312 13.69 -1.52 -28.49
C CYS A 312 12.85 -1.16 -27.27
N PRO A 313 11.56 -0.86 -27.46
CA PRO A 313 10.57 -0.59 -26.40
C PRO A 313 10.56 -1.65 -25.29
N GLU A 314 10.59 -1.23 -24.03
CA GLU A 314 10.57 -2.14 -22.89
C GLU A 314 9.91 -1.43 -21.68
N VAL A 315 9.32 -2.22 -20.80
CA VAL A 315 8.73 -1.73 -19.56
C VAL A 315 9.82 -1.49 -18.51
N CYS A 316 10.43 -0.31 -18.54
CA CYS A 316 11.56 -0.02 -17.65
C CYS A 316 11.60 1.42 -17.18
N TRP A 317 12.20 1.62 -16.01
CA TRP A 317 12.58 2.97 -15.61
C TRP A 317 13.94 2.90 -14.93
N GLU A 318 14.98 3.23 -15.70
CA GLU A 318 16.37 3.05 -15.28
C GLU A 318 17.28 3.86 -16.21
N GLY A 319 18.39 4.35 -15.64
CA GLY A 319 19.35 5.18 -16.38
C GLY A 319 20.01 6.22 -15.49
N THR A 320 20.83 7.06 -16.13
CA THR A 320 21.39 8.26 -15.45
C THR A 320 21.42 9.51 -16.32
N TYR A 321 21.44 10.65 -15.66
CA TYR A 321 21.46 11.92 -16.33
C TYR A 321 22.87 12.24 -16.79
N ASN A 322 23.04 12.56 -18.06
CA ASN A 322 24.34 12.95 -18.65
C ASN A 322 24.01 13.85 -19.78
N ASP A 323 23.94 15.14 -19.53
CA ASP A 323 23.69 16.09 -20.62
C ASP A 323 24.96 16.33 -21.45
N ALA A 324 24.74 16.84 -22.64
CA ALA A 324 25.83 17.36 -23.44
C ALA A 324 25.51 18.82 -23.72
N PHE A 325 26.40 19.46 -24.46
CA PHE A 325 26.25 20.89 -24.78
C PHE A 325 26.58 21.10 -26.24
N LEU A 326 25.73 21.84 -26.94
CA LEU A 326 25.98 22.24 -28.34
C LEU A 326 27.04 23.31 -28.35
N ILE A 327 28.14 23.00 -28.98
CA ILE A 327 29.24 23.90 -29.03
C ILE A 327 29.39 24.47 -30.44
N ASP A 328 28.66 23.94 -31.39
CA ASP A 328 28.72 24.47 -32.73
C ASP A 328 27.49 23.95 -33.45
N ARG A 329 26.54 24.86 -33.68
CA ARG A 329 25.29 24.54 -34.35
C ARG A 329 25.49 24.28 -35.80
N LEU A 330 26.32 25.10 -36.44
CA LEU A 330 26.65 24.98 -37.89
C LEU A 330 27.05 23.57 -38.36
N ASN A 331 27.82 22.86 -37.52
CA ASN A 331 28.14 21.46 -37.76
C ASN A 331 27.67 20.63 -36.59
N TRP A 332 26.57 21.04 -35.94
CA TRP A 332 25.98 20.39 -34.74
C TRP A 332 26.89 19.51 -33.85
N VAL A 333 28.01 20.10 -33.46
CA VAL A 333 28.97 19.48 -32.57
C VAL A 333 28.55 19.83 -31.16
N SER A 334 28.47 18.83 -30.28
CA SER A 334 28.14 19.05 -28.86
C SER A 334 29.29 18.59 -28.05
N ALA A 335 29.21 18.68 -26.74
CA ALA A 335 30.15 17.89 -25.93
C ALA A 335 29.60 17.53 -24.51
N GLY A 336 30.29 16.65 -23.80
CA GLY A 336 29.86 16.38 -22.44
C GLY A 336 30.50 15.11 -21.98
N VAL A 337 30.18 14.71 -20.74
CA VAL A 337 30.81 13.54 -20.15
C VAL A 337 29.83 12.45 -20.23
N TYR A 338 30.29 11.28 -20.62
CA TYR A 338 29.47 10.12 -20.72
C TYR A 338 30.06 9.00 -19.85
N LEU A 339 29.21 8.17 -19.26
CA LEU A 339 29.69 6.99 -18.57
C LEU A 339 29.84 5.87 -19.57
N ASN A 340 31.07 5.44 -19.82
CA ASN A 340 31.23 4.32 -20.73
C ASN A 340 31.08 3.00 -19.98
N SER A 341 29.85 2.63 -19.70
CA SER A 341 29.55 1.37 -19.06
C SER A 341 28.15 0.98 -19.41
N ASN A 342 27.91 -0.31 -19.76
CA ASN A 342 26.56 -0.89 -20.11
C ASN A 342 25.48 -0.82 -19.06
N GLN A 343 25.82 -1.32 -17.88
CA GLN A 343 24.88 -1.38 -16.79
C GLN A 343 25.46 -0.90 -15.49
N THR A 344 26.54 -0.14 -15.52
CA THR A 344 27.12 0.30 -14.26
C THR A 344 27.65 1.73 -14.32
N ALA A 345 27.56 2.42 -13.17
CA ALA A 345 27.99 3.82 -13.00
C ALA A 345 29.50 3.88 -12.87
N GLU A 346 30.16 3.92 -14.02
CA GLU A 346 31.62 3.90 -14.11
C GLU A 346 32.13 4.69 -15.29
N ASN A 347 33.41 5.00 -15.26
CA ASN A 347 34.16 5.34 -16.48
C ASN A 347 33.77 6.67 -17.19
N PRO A 348 33.60 7.72 -16.39
CA PRO A 348 33.27 8.99 -16.96
C PRO A 348 34.36 9.44 -17.93
N VAL A 349 33.94 9.76 -19.14
CA VAL A 349 34.83 10.20 -20.15
C VAL A 349 34.13 11.33 -20.85
N PHE A 350 34.83 12.46 -20.94
CA PHE A 350 34.42 13.62 -21.72
C PHE A 350 34.42 13.30 -23.22
N ALA A 351 33.29 13.58 -23.87
CA ALA A 351 33.09 13.17 -25.24
C ALA A 351 32.69 14.38 -26.07
N VAL A 352 33.47 14.65 -27.14
CA VAL A 352 33.17 15.71 -28.14
C VAL A 352 32.79 14.99 -29.46
N PHE A 353 31.62 15.28 -30.03
CA PHE A 353 31.01 14.37 -31.02
C PHE A 353 29.95 15.00 -31.90
N LYS A 354 29.33 14.16 -32.73
CA LYS A 354 28.22 14.55 -33.60
C LYS A 354 27.20 13.37 -33.65
N ASP A 355 26.06 13.61 -34.29
CA ASP A 355 24.97 12.62 -34.39
C ASP A 355 25.47 11.19 -34.57
N ASN A 356 26.39 11.01 -35.51
CA ASN A 356 26.85 9.69 -35.93
C ASN A 356 28.36 9.55 -35.83
N GLU A 357 28.96 10.10 -34.77
CA GLU A 357 30.42 10.17 -34.72
C GLU A 357 30.94 10.89 -33.49
N ILE A 358 31.78 10.23 -32.71
CA ILE A 358 32.54 10.92 -31.66
C ILE A 358 33.89 11.38 -32.19
N LEU A 359 34.14 12.68 -32.23
CA LEU A 359 35.36 13.22 -32.86
C LEU A 359 36.59 12.85 -32.01
N TYR A 360 36.59 13.31 -30.78
CA TYR A 360 37.64 13.01 -29.81
C TYR A 360 37.02 12.98 -28.39
N GLN A 361 37.60 12.17 -27.52
CA GLN A 361 37.05 12.05 -26.17
C GLN A 361 38.17 12.30 -25.21
N VAL A 362 37.91 12.09 -23.92
CA VAL A 362 38.98 11.99 -22.93
C VAL A 362 38.44 11.36 -21.67
N PRO A 363 39.14 10.34 -21.15
CA PRO A 363 38.70 9.73 -19.92
C PRO A 363 39.14 10.60 -18.74
N LEU A 364 38.17 10.98 -17.95
CA LEU A 364 38.42 11.80 -16.79
C LEU A 364 39.00 11.04 -15.59
N ALA A 365 38.83 9.71 -15.58
CA ALA A 365 39.33 8.86 -14.51
C ALA A 365 39.91 7.54 -14.99
N GLU A 366 40.25 6.66 -14.06
CA GLU A 366 40.50 5.24 -14.33
C GLU A 366 39.32 4.53 -15.00
N ASP A 367 39.59 3.28 -15.39
CA ASP A 367 38.61 2.44 -16.07
C ASP A 367 37.46 2.08 -15.14
N ASP A 368 37.80 1.99 -13.86
CA ASP A 368 36.98 1.44 -12.79
C ASP A 368 36.63 2.47 -11.70
N THR A 369 36.78 3.74 -12.04
CA THR A 369 36.36 4.86 -11.18
C THR A 369 34.85 4.99 -11.25
N ASN A 370 34.20 5.10 -10.11
CA ASN A 370 32.76 5.29 -10.07
C ASN A 370 32.34 6.71 -10.42
N ALA A 371 31.36 6.82 -11.29
CA ALA A 371 30.79 8.11 -11.62
C ALA A 371 29.30 7.92 -11.73
N GLN A 372 28.59 9.02 -11.89
CA GLN A 372 27.16 8.94 -11.96
C GLN A 372 26.51 10.09 -12.75
N LYS A 373 26.15 11.18 -12.08
CA LYS A 373 25.25 12.15 -12.63
C LYS A 373 26.06 13.32 -13.11
N THR A 374 26.42 13.29 -14.39
CA THR A 374 27.32 14.26 -15.01
C THR A 374 26.53 15.47 -15.49
N ILE A 375 27.13 16.66 -15.59
CA ILE A 375 26.51 17.81 -16.28
C ILE A 375 27.51 18.72 -17.06
N THR A 376 27.07 19.40 -18.11
CA THR A 376 27.97 20.33 -18.79
C THR A 376 27.25 21.58 -19.23
N ASP A 377 27.92 22.72 -19.00
CA ASP A 377 27.41 24.09 -19.32
C ASP A 377 28.55 24.99 -19.86
N CYS A 378 28.58 25.24 -21.16
CA CYS A 378 29.80 25.81 -21.77
C CYS A 378 29.71 27.29 -22.10
N PHE A 379 30.86 27.88 -22.39
CA PHE A 379 30.93 29.32 -22.52
C PHE A 379 32.19 29.75 -23.25
N LEU A 380 32.35 31.04 -23.44
CA LEU A 380 33.65 31.60 -23.82
C LEU A 380 34.39 32.14 -22.58
N LEU A 381 35.67 31.76 -22.45
CA LEU A 381 36.60 32.48 -21.58
C LEU A 381 37.60 33.23 -22.45
N GLU A 382 37.74 34.53 -22.23
CA GLU A 382 38.75 35.31 -22.91
C GLU A 382 38.79 35.01 -24.42
N ASN A 383 37.61 34.81 -25.04
CA ASN A 383 37.48 34.51 -26.51
C ASN A 383 37.68 33.01 -26.96
N VAL A 384 37.71 32.08 -26.02
CA VAL A 384 37.98 30.64 -26.28
C VAL A 384 36.96 29.70 -25.57
N ILE A 385 36.66 28.57 -26.21
CA ILE A 385 35.54 27.75 -25.80
C ILE A 385 35.94 26.87 -24.63
N TRP A 386 35.31 27.06 -23.50
CA TRP A 386 35.59 26.22 -22.34
C TRP A 386 34.35 25.44 -21.95
N CYS A 387 34.53 24.28 -21.39
CA CYS A 387 33.41 23.61 -20.81
C CYS A 387 33.78 23.21 -19.41
N ILE A 388 33.01 23.73 -18.47
CA ILE A 388 32.97 23.18 -17.15
C ILE A 388 32.08 22.00 -17.36
N SER A 389 32.32 20.98 -16.55
CA SER A 389 31.38 19.93 -16.35
C SER A 389 31.25 19.87 -14.87
N LEU A 390 30.31 19.09 -14.41
CA LEU A 390 30.30 18.67 -13.04
C LEU A 390 30.62 17.23 -13.21
N VAL A 391 30.21 16.44 -12.24
CA VAL A 391 30.28 15.01 -12.30
C VAL A 391 29.94 14.60 -10.90
N GLU A 392 29.67 13.34 -10.66
CA GLU A 392 29.73 12.81 -9.30
C GLU A 392 30.71 11.67 -9.36
N ILE A 393 31.87 11.84 -8.76
CA ILE A 393 32.94 10.92 -9.07
C ILE A 393 33.47 10.40 -7.77
N TYR A 394 33.81 9.12 -7.71
CA TYR A 394 34.58 8.59 -6.58
C TYR A 394 35.28 7.23 -6.82
N ASP A 395 36.20 6.92 -5.91
CA ASP A 395 37.08 5.77 -6.01
C ASP A 395 36.88 4.83 -4.83
N THR A 396 36.93 3.52 -5.10
CA THR A 396 36.78 2.52 -4.04
C THR A 396 37.93 2.72 -3.07
N GLY A 397 37.63 2.96 -1.81
CA GLY A 397 38.68 3.29 -0.84
C GLY A 397 38.42 4.66 -0.26
N ASP A 398 37.89 5.55 -1.09
CA ASP A 398 37.66 6.94 -0.70
C ASP A 398 36.69 7.14 0.43
N SER A 399 37.01 8.14 1.24
CA SER A 399 36.47 8.33 2.57
C SER A 399 35.20 9.16 2.62
N VAL A 400 35.26 10.34 2.01
CA VAL A 400 34.08 11.17 1.82
C VAL A 400 33.87 11.30 0.30
N ILE A 401 32.61 11.27 -0.13
CA ILE A 401 32.29 11.22 -1.57
C ILE A 401 31.53 12.43 -2.04
N ARG A 402 32.10 13.11 -3.02
CA ARG A 402 31.47 14.31 -3.51
C ARG A 402 31.76 14.61 -4.96
N PRO A 403 30.87 15.42 -5.54
CA PRO A 403 31.00 15.86 -6.92
C PRO A 403 32.29 16.66 -7.21
N LYS A 404 32.86 16.48 -8.39
CA LYS A 404 34.07 17.20 -8.74
C LYS A 404 33.77 18.04 -9.92
N LEU A 405 34.51 19.13 -10.06
CA LEU A 405 34.33 20.12 -11.15
C LEU A 405 35.45 19.99 -12.16
N PHE A 406 35.13 20.00 -13.45
CA PHE A 406 36.20 19.98 -14.45
C PHE A 406 36.07 21.07 -15.52
N ALA A 407 37.07 21.92 -15.61
CA ALA A 407 37.19 22.73 -16.81
C ALA A 407 37.62 21.80 -17.94
N VAL A 408 37.43 22.27 -19.16
CA VAL A 408 37.98 21.60 -20.33
C VAL A 408 38.03 22.55 -21.49
N LYS A 409 39.22 22.95 -21.88
CA LYS A 409 39.31 23.78 -23.05
C LYS A 409 39.05 22.91 -24.22
N ILE A 410 38.44 23.52 -25.22
CA ILE A 410 38.28 22.87 -26.48
C ILE A 410 39.41 23.26 -27.40
N PRO A 411 40.12 22.24 -27.88
CA PRO A 411 41.26 22.51 -28.75
C PRO A 411 40.89 23.37 -29.94
N ALA A 412 41.73 24.37 -30.24
CA ALA A 412 41.70 25.04 -31.52
C ALA A 412 42.08 24.04 -32.67
N GLN A 413 43.34 23.66 -32.77
CA GLN A 413 43.77 22.78 -33.87
C GLN A 413 43.61 21.29 -33.54
N CYS A 414 43.51 20.44 -34.57
CA CYS A 414 43.45 18.99 -34.35
C CYS A 414 44.84 18.39 -34.33
N SER A 415 45.70 19.01 -33.50
CA SER A 415 47.06 18.54 -33.24
C SER A 415 47.01 18.14 -31.76
N GLU A 416 48.13 17.90 -31.08
CA GLU A 416 48.01 17.18 -29.81
C GLU A 416 47.00 17.91 -29.02
N ILE B 1 37.70 -6.57 -8.33
CA ILE B 1 37.88 -7.68 -9.31
C ILE B 1 36.53 -8.03 -9.94
N VAL B 2 36.56 -8.54 -11.17
CA VAL B 2 35.40 -9.06 -11.85
C VAL B 2 35.24 -10.52 -11.46
N LEU B 3 34.30 -10.79 -10.55
CA LEU B 3 34.08 -12.16 -10.02
C LEU B 3 33.40 -13.01 -11.06
N GLU B 4 33.28 -14.31 -10.74
CA GLU B 4 32.73 -15.32 -11.67
C GLU B 4 31.23 -15.17 -11.98
N PRO B 5 30.88 -14.76 -13.26
CA PRO B 5 29.47 -14.66 -13.70
C PRO B 5 28.55 -15.77 -13.12
N ILE B 6 27.38 -15.39 -12.62
CA ILE B 6 26.53 -16.38 -11.95
C ILE B 6 25.26 -16.67 -12.76
N TYR B 7 25.17 -17.90 -13.23
CA TYR B 7 24.10 -18.24 -14.14
C TYR B 7 22.91 -18.64 -13.32
N TRP B 8 21.83 -17.87 -13.48
CA TRP B 8 20.58 -18.16 -12.81
C TRP B 8 19.89 -19.18 -13.63
N ASN B 9 19.93 -20.42 -13.13
CA ASN B 9 19.54 -21.64 -13.86
C ASN B 9 19.28 -22.80 -12.87
N SER B 10 18.41 -23.75 -13.20
CA SER B 10 18.08 -24.81 -12.22
C SER B 10 19.21 -25.76 -12.01
N SER B 11 20.12 -25.77 -12.98
CA SER B 11 21.27 -26.69 -13.05
C SER B 11 22.42 -26.31 -12.16
N ASN B 12 22.47 -25.02 -11.82
CA ASN B 12 23.67 -24.44 -11.21
C ASN B 12 23.99 -25.01 -9.79
N SER B 13 24.79 -26.08 -9.83
CA SER B 13 25.54 -26.65 -8.69
C SER B 13 26.13 -25.70 -7.63
N LYS B 14 25.97 -24.38 -7.79
CA LYS B 14 26.44 -23.41 -6.78
C LYS B 14 25.32 -23.04 -5.82
N PHE B 15 24.07 -23.14 -6.28
CA PHE B 15 22.91 -22.95 -5.39
C PHE B 15 22.77 -24.21 -4.55
N LEU B 16 23.38 -24.14 -3.40
CA LEU B 16 23.44 -25.27 -2.53
C LEU B 16 22.15 -25.29 -1.74
N PRO B 17 21.71 -26.48 -1.33
CA PRO B 17 20.30 -26.75 -1.03
C PRO B 17 19.83 -26.15 0.29
N GLY B 18 20.73 -26.09 1.27
CA GLY B 18 20.45 -25.47 2.56
C GLY B 18 20.71 -23.96 2.57
N GLN B 19 21.83 -23.53 1.99
CA GLN B 19 22.26 -22.13 2.12
C GLN B 19 22.47 -21.41 0.77
N GLY B 20 21.90 -21.97 -0.29
CA GLY B 20 21.90 -21.30 -1.59
C GLY B 20 23.31 -21.04 -2.06
N LEU B 21 23.49 -20.05 -2.93
CA LEU B 21 24.81 -19.62 -3.39
C LEU B 21 25.20 -18.49 -2.49
N VAL B 22 26.22 -18.70 -1.65
CA VAL B 22 26.84 -17.61 -0.87
C VAL B 22 28.15 -17.14 -1.56
N LEU B 23 28.35 -15.81 -1.60
CA LEU B 23 29.53 -15.25 -2.22
C LEU B 23 29.97 -14.03 -1.40
N TYR B 24 31.29 -13.80 -1.35
CA TYR B 24 31.90 -12.77 -0.51
C TYR B 24 32.41 -11.56 -1.32
N PRO B 25 31.52 -10.80 -2.01
CA PRO B 25 32.19 -9.76 -2.81
C PRO B 25 32.89 -8.76 -1.89
N GLN B 26 33.84 -8.02 -2.46
CA GLN B 26 34.46 -6.91 -1.75
C GLN B 26 34.06 -5.64 -2.46
N ILE B 27 34.05 -4.52 -1.73
CA ILE B 27 33.74 -3.22 -2.38
C ILE B 27 34.72 -2.95 -3.56
N GLY B 28 34.16 -2.60 -4.71
CA GLY B 28 34.95 -2.45 -5.94
C GLY B 28 34.84 -3.63 -6.93
N ASP B 29 34.20 -4.71 -6.52
CA ASP B 29 34.03 -5.86 -7.41
C ASP B 29 32.88 -5.58 -8.41
N LYS B 30 32.73 -6.46 -9.39
CA LYS B 30 31.55 -6.47 -10.22
C LYS B 30 31.16 -7.92 -10.61
N LEU B 31 29.84 -8.15 -10.67
CA LEU B 31 29.25 -9.47 -10.72
C LEU B 31 28.17 -9.50 -11.74
N ASP B 32 28.22 -10.47 -12.66
CA ASP B 32 27.13 -10.68 -13.61
C ASP B 32 26.20 -11.78 -13.05
N ILE B 33 24.89 -11.50 -13.04
CA ILE B 33 23.87 -12.59 -12.94
C ILE B 33 23.17 -12.71 -14.31
N ILE B 34 23.13 -13.96 -14.82
CA ILE B 34 22.89 -14.23 -16.24
C ILE B 34 21.90 -15.36 -16.38
N CYS B 35 20.74 -15.13 -16.98
CA CYS B 35 19.89 -16.25 -17.41
C CYS B 35 20.18 -16.59 -18.86
N PRO B 36 20.61 -17.84 -19.11
CA PRO B 36 21.06 -18.16 -20.45
C PRO B 36 19.84 -18.26 -21.34
N LYS B 37 20.08 -18.20 -22.65
CA LYS B 37 19.05 -18.47 -23.67
C LYS B 37 19.00 -19.96 -24.00
N VAL B 38 17.82 -20.46 -24.40
CA VAL B 38 17.61 -21.90 -24.68
C VAL B 38 18.41 -22.43 -25.89
N TYR B 46 13.67 -23.56 -21.67
CA TYR B 46 13.85 -22.23 -21.08
C TYR B 46 13.14 -22.08 -19.75
N GLU B 47 13.91 -21.69 -18.75
CA GLU B 47 13.37 -21.40 -17.46
C GLU B 47 12.97 -19.91 -17.35
N TYR B 48 11.77 -19.64 -16.84
CA TYR B 48 11.27 -18.27 -16.62
C TYR B 48 11.30 -17.75 -15.18
N TYR B 49 11.95 -16.59 -15.03
CA TYR B 49 12.29 -16.03 -13.73
C TYR B 49 12.19 -14.55 -13.74
N LYS B 50 11.64 -14.03 -12.65
CA LYS B 50 11.86 -12.67 -12.24
C LYS B 50 12.70 -12.75 -10.96
N VAL B 51 13.86 -12.11 -10.93
CA VAL B 51 14.75 -12.16 -9.75
C VAL B 51 14.80 -10.80 -9.06
N TYR B 52 14.65 -10.79 -7.74
CA TYR B 52 14.60 -9.55 -6.98
C TYR B 52 15.66 -9.53 -5.89
N MET B 53 16.31 -8.37 -5.71
CA MET B 53 17.07 -8.08 -4.50
C MET B 53 16.04 -7.92 -3.41
N VAL B 54 16.15 -8.70 -2.33
CA VAL B 54 15.15 -8.65 -1.28
C VAL B 54 15.82 -8.12 -0.05
N ASP B 55 15.09 -8.21 1.08
CA ASP B 55 15.71 -8.16 2.39
C ASP B 55 15.82 -9.60 2.93
N LYS B 56 16.34 -9.73 4.15
CA LYS B 56 16.55 -11.05 4.76
C LYS B 56 15.25 -11.81 4.95
N ASP B 57 14.33 -11.21 5.71
CA ASP B 57 13.07 -11.87 6.07
C ASP B 57 12.43 -12.42 4.83
N GLN B 58 12.41 -11.60 3.78
CA GLN B 58 11.93 -12.00 2.44
C GLN B 58 12.74 -13.14 1.88
N ALA B 59 14.05 -13.10 2.06
CA ALA B 59 14.88 -14.25 1.71
C ALA B 59 14.42 -15.51 2.46
N ASP B 60 14.36 -15.38 3.79
CA ASP B 60 14.17 -16.51 4.71
C ASP B 60 12.75 -16.97 4.77
N ARG B 61 11.83 -16.20 4.17
CA ARG B 61 10.42 -16.59 3.97
C ARG B 61 10.03 -16.91 2.49
N CYS B 62 10.95 -16.60 1.54
CA CYS B 62 10.73 -16.63 0.06
C CYS B 62 9.46 -15.93 -0.47
N THR B 63 9.43 -14.63 -0.19
CA THR B 63 8.31 -13.73 -0.44
C THR B 63 8.85 -12.42 -1.08
N ILE B 64 8.17 -11.95 -2.11
CA ILE B 64 8.46 -10.64 -2.74
C ILE B 64 7.17 -9.79 -2.75
N LYS B 65 7.22 -8.58 -2.21
CA LYS B 65 5.98 -7.87 -2.01
C LYS B 65 5.76 -6.88 -3.10
N LYS B 66 4.50 -6.56 -3.34
CA LYS B 66 4.10 -5.78 -4.53
C LYS B 66 5.09 -4.66 -4.90
N GLU B 67 5.43 -3.81 -3.92
CA GLU B 67 6.44 -2.74 -4.09
C GLU B 67 7.63 -3.26 -4.90
N ASN B 68 7.99 -4.52 -4.68
CA ASN B 68 9.24 -5.01 -5.12
C ASN B 68 9.27 -4.94 -6.64
N THR B 69 10.35 -4.32 -7.14
CA THR B 69 10.64 -4.19 -8.56
C THR B 69 11.83 -5.13 -8.81
N PRO B 70 11.79 -5.91 -9.92
CA PRO B 70 12.83 -6.90 -10.24
C PRO B 70 14.19 -6.35 -10.73
N LEU B 71 15.22 -7.18 -10.60
CA LEU B 71 16.51 -6.85 -11.16
C LEU B 71 16.74 -7.70 -12.42
N LEU B 72 16.09 -8.85 -12.52
CA LEU B 72 16.17 -9.61 -13.74
C LEU B 72 14.83 -10.20 -14.17
N ASN B 73 14.41 -9.85 -15.38
CA ASN B 73 13.17 -10.32 -16.00
C ASN B 73 13.53 -11.32 -17.10
N CYS B 74 13.66 -12.60 -16.71
CA CYS B 74 14.16 -13.61 -17.62
C CYS B 74 13.01 -14.28 -18.32
N ALA B 75 12.67 -13.68 -19.46
CA ALA B 75 11.52 -14.02 -20.25
C ALA B 75 11.86 -13.78 -21.70
N LYS B 76 13.08 -14.15 -22.08
CA LYS B 76 13.53 -14.14 -23.48
C LYS B 76 14.21 -15.43 -23.93
N PRO B 77 13.43 -16.39 -24.34
CA PRO B 77 13.98 -17.68 -24.67
C PRO B 77 15.30 -17.60 -25.42
N ASP B 78 15.36 -16.77 -26.46
CA ASP B 78 16.51 -16.81 -27.42
C ASP B 78 17.49 -15.66 -27.25
N GLN B 79 17.50 -15.10 -26.03
CA GLN B 79 18.36 -13.99 -25.71
C GLN B 79 18.97 -14.10 -24.28
N ASP B 80 20.30 -14.05 -24.22
CA ASP B 80 21.05 -13.87 -22.96
C ASP B 80 20.57 -12.61 -22.22
N ILE B 81 19.89 -12.80 -21.08
CA ILE B 81 19.46 -11.67 -20.25
C ILE B 81 20.40 -11.61 -19.07
N LYS B 82 21.12 -10.49 -18.99
CA LYS B 82 22.25 -10.32 -18.07
C LYS B 82 22.18 -9.00 -17.25
N PHE B 83 22.52 -9.07 -15.96
CA PHE B 83 22.51 -7.90 -15.09
C PHE B 83 23.86 -7.75 -14.37
N THR B 84 24.43 -6.54 -14.40
CA THR B 84 25.77 -6.28 -13.80
C THR B 84 25.71 -5.37 -12.52
N ILE B 85 26.20 -5.93 -11.42
CA ILE B 85 26.28 -5.23 -10.17
C ILE B 85 27.72 -4.81 -10.07
N LYS B 86 28.01 -3.53 -9.88
CA LYS B 86 29.30 -3.11 -9.28
C LYS B 86 29.04 -2.66 -7.83
N PHE B 87 29.83 -3.17 -6.90
CA PHE B 87 29.58 -2.92 -5.50
C PHE B 87 30.20 -1.58 -5.08
N GLN B 88 29.33 -0.56 -5.06
CA GLN B 88 29.69 0.80 -4.71
C GLN B 88 28.40 1.60 -4.49
N GLU B 89 28.55 2.88 -4.23
CA GLU B 89 27.40 3.70 -3.88
C GLU B 89 26.63 4.16 -5.11
N PHE B 90 27.29 4.26 -6.27
CA PHE B 90 26.68 4.79 -7.54
C PHE B 90 26.11 3.72 -8.51
N SER B 91 24.79 3.81 -8.75
CA SER B 91 24.08 2.90 -9.66
C SER B 91 23.03 3.62 -10.55
N PRO B 92 22.85 3.16 -11.80
CA PRO B 92 21.72 3.68 -12.57
C PRO B 92 20.38 3.41 -11.88
N ASN B 93 20.36 2.49 -10.91
CA ASN B 93 19.17 2.14 -10.14
C ASN B 93 18.62 3.38 -9.46
N LEU B 94 17.35 3.71 -9.70
CA LEU B 94 16.80 4.98 -9.23
C LEU B 94 15.97 4.85 -7.95
N TRP B 95 16.25 3.79 -7.20
CA TRP B 95 15.49 3.48 -6.02
C TRP B 95 16.35 3.49 -4.77
N GLY B 96 17.55 4.07 -4.87
CA GLY B 96 18.43 4.24 -3.72
C GLY B 96 18.98 2.95 -3.12
N LEU B 97 19.09 1.92 -3.97
CA LEU B 97 19.71 0.64 -3.60
C LEU B 97 21.20 0.68 -4.04
N GLU B 98 22.08 0.59 -3.04
CA GLU B 98 23.54 0.56 -3.23
C GLU B 98 24.16 -0.56 -2.38
N PHE B 99 25.50 -0.60 -2.33
CA PHE B 99 26.20 -1.63 -1.55
C PHE B 99 27.30 -1.07 -0.70
N GLN B 100 27.42 -1.69 0.48
CA GLN B 100 28.29 -1.23 1.55
C GLN B 100 28.94 -2.40 2.32
N LYS B 101 30.20 -2.20 2.75
CA LYS B 101 30.97 -3.20 3.51
C LYS B 101 30.13 -3.74 4.64
N ASN B 102 30.47 -4.95 5.09
CA ASN B 102 29.91 -5.53 6.29
C ASN B 102 28.41 -5.34 6.29
N LYS B 103 27.80 -5.64 5.17
CA LYS B 103 26.38 -5.71 5.07
C LYS B 103 26.04 -6.92 4.20
N ASP B 104 24.84 -7.46 4.42
CA ASP B 104 24.36 -8.63 3.70
C ASP B 104 23.17 -8.22 2.83
N TYR B 105 23.14 -8.76 1.62
CA TYR B 105 22.13 -8.44 0.62
C TYR B 105 21.69 -9.77 -0.05
N TYR B 106 20.37 -9.94 -0.19
CA TYR B 106 19.73 -11.25 -0.53
C TYR B 106 19.01 -11.14 -1.88
N ILE B 107 19.41 -11.97 -2.83
CA ILE B 107 18.83 -11.95 -4.15
C ILE B 107 18.14 -13.26 -4.32
N ILE B 108 16.84 -13.27 -4.67
CA ILE B 108 16.07 -14.53 -4.88
C ILE B 108 15.09 -14.41 -6.07
N SER B 109 14.37 -15.49 -6.35
CA SER B 109 13.02 -15.35 -6.91
C SER B 109 12.07 -16.36 -6.31
N THR B 110 10.79 -15.98 -6.30
CA THR B 110 9.73 -16.87 -5.90
C THR B 110 9.12 -17.52 -7.13
N SER B 111 9.68 -17.23 -8.30
CA SER B 111 9.23 -17.82 -9.55
C SER B 111 9.23 -19.35 -9.43
N ASN B 112 8.26 -20.03 -10.06
CA ASN B 112 8.27 -21.50 -10.20
C ASN B 112 8.97 -21.95 -11.46
N GLY B 113 9.36 -20.99 -12.31
CA GLY B 113 10.22 -21.27 -13.45
C GLY B 113 9.45 -21.35 -14.73
N SER B 114 8.21 -21.82 -14.67
CA SER B 114 7.40 -21.88 -15.85
C SER B 114 7.07 -20.45 -16.25
N LEU B 115 6.55 -20.29 -17.45
CA LEU B 115 5.98 -19.02 -17.88
C LEU B 115 4.65 -18.76 -17.17
N GLU B 116 4.05 -19.83 -16.60
CA GLU B 116 2.75 -19.80 -15.90
C GLU B 116 2.83 -19.27 -14.48
N GLY B 117 3.93 -19.59 -13.80
CA GLY B 117 4.17 -19.20 -12.40
C GLY B 117 5.18 -18.07 -12.21
N LEU B 118 5.55 -17.42 -13.31
CA LEU B 118 6.58 -16.39 -13.34
C LEU B 118 6.41 -15.42 -12.17
N ASP B 119 5.19 -14.91 -12.02
CA ASP B 119 4.92 -13.83 -11.09
C ASP B 119 4.37 -14.35 -9.75
N ASN B 120 4.58 -15.67 -9.45
CA ASN B 120 4.19 -16.28 -8.14
C ASN B 120 4.99 -15.53 -7.09
N GLN B 121 4.32 -14.83 -6.18
CA GLN B 121 5.05 -13.93 -5.24
C GLN B 121 5.46 -14.66 -3.95
N GLU B 122 5.29 -15.97 -3.94
CA GLU B 122 5.38 -16.72 -2.72
C GLU B 122 5.74 -18.16 -3.12
N GLY B 123 6.68 -18.75 -2.38
CA GLY B 123 7.16 -20.09 -2.65
C GLY B 123 8.28 -20.10 -3.67
N GLY B 124 8.01 -20.78 -4.78
CA GLY B 124 8.93 -20.84 -5.93
C GLY B 124 10.19 -21.68 -5.76
N VAL B 125 11.21 -21.36 -6.55
CA VAL B 125 12.46 -22.10 -6.57
C VAL B 125 13.46 -21.57 -5.55
N CYS B 126 13.09 -20.53 -4.81
CA CYS B 126 13.82 -20.05 -3.64
C CYS B 126 13.63 -21.04 -2.46
N GLN B 127 12.41 -21.55 -2.36
CA GLN B 127 11.93 -22.29 -1.21
C GLN B 127 11.83 -23.80 -1.47
N THR B 128 12.37 -24.28 -2.57
CA THR B 128 12.16 -25.71 -2.90
C THR B 128 13.35 -26.20 -3.71
N ARG B 129 13.83 -25.36 -4.65
CA ARG B 129 15.29 -25.31 -4.85
C ARG B 129 15.70 -24.11 -3.99
N ALA B 130 16.99 -24.01 -3.69
CA ALA B 130 17.54 -22.89 -2.93
C ALA B 130 18.10 -21.83 -3.89
N MET B 131 17.30 -21.49 -4.91
CA MET B 131 17.62 -20.42 -5.83
C MET B 131 17.57 -19.08 -5.10
N LYS B 132 18.72 -18.69 -4.55
CA LYS B 132 18.88 -17.48 -3.72
C LYS B 132 20.37 -17.16 -3.54
N ILE B 133 20.81 -16.00 -3.99
CA ILE B 133 22.20 -15.63 -3.77
C ILE B 133 22.27 -14.91 -2.43
N LEU B 134 23.21 -15.33 -1.57
CA LEU B 134 23.64 -14.48 -0.43
C LEU B 134 25.01 -13.80 -0.75
N MET B 135 25.00 -12.47 -0.81
CA MET B 135 26.19 -11.72 -1.09
C MET B 135 26.74 -11.22 0.22
N LYS B 136 27.82 -11.84 0.72
CA LYS B 136 28.50 -11.39 1.97
C LYS B 136 29.47 -10.27 1.61
N VAL B 137 29.02 -9.03 1.70
CA VAL B 137 29.83 -7.90 1.20
C VAL B 137 30.92 -7.57 2.22
N GLY B 138 32.08 -7.14 1.70
CA GLY B 138 33.22 -6.78 2.52
C GLY B 138 33.80 -8.00 3.22
N ILE C 1 -25.83 -39.61 24.30
CA ILE C 1 -25.65 -38.16 24.01
C ILE C 1 -25.99 -37.35 25.28
N CYS C 2 -24.98 -36.77 25.94
CA CYS C 2 -25.22 -36.08 27.24
C CYS C 2 -26.39 -35.09 27.16
N LEU C 3 -27.31 -35.23 28.11
CA LEU C 3 -28.45 -34.33 28.21
C LEU C 3 -28.54 -33.68 29.60
N GLN C 4 -27.55 -33.95 30.45
CA GLN C 4 -27.56 -33.49 31.83
C GLN C 4 -26.54 -32.40 31.95
N LYS C 5 -26.89 -31.39 32.71
CA LYS C 5 -25.95 -30.40 33.13
C LYS C 5 -24.81 -31.15 33.80
N THR C 6 -23.56 -30.78 33.52
CA THR C 6 -22.40 -31.42 34.14
C THR C 6 -21.07 -30.75 33.79
N THR C 7 -20.25 -30.51 34.81
CA THR C 7 -18.95 -29.84 34.59
C THR C 7 -17.81 -30.81 34.41
N SER C 8 -18.13 -32.09 34.51
CA SER C 8 -17.28 -33.06 33.91
C SER C 8 -16.67 -32.45 32.59
N THR C 9 -15.45 -32.90 32.29
CA THR C 9 -14.68 -32.48 31.10
C THR C 9 -14.90 -33.41 29.92
N ILE C 10 -16.16 -33.65 29.59
CA ILE C 10 -16.48 -34.67 28.60
C ILE C 10 -16.08 -34.22 27.20
N LEU C 11 -16.18 -32.91 26.93
CA LEU C 11 -15.94 -32.35 25.60
C LEU C 11 -14.45 -32.20 25.38
N LYS C 12 -13.96 -32.80 24.30
CA LYS C 12 -12.52 -32.99 24.08
C LYS C 12 -12.09 -32.55 22.68
N PRO C 13 -12.10 -31.22 22.42
CA PRO C 13 -11.82 -30.63 21.10
C PRO C 13 -10.46 -31.00 20.54
N ARG C 14 -10.42 -31.20 19.22
CA ARG C 14 -9.22 -31.58 18.52
C ARG C 14 -8.99 -30.60 17.41
N LEU C 15 -7.84 -29.94 17.45
CA LEU C 15 -7.35 -29.00 16.45
C LEU C 15 -7.09 -29.71 15.09
N ILE C 16 -7.90 -29.42 14.08
CA ILE C 16 -7.80 -30.18 12.82
C ILE C 16 -7.40 -29.32 11.62
N SER C 17 -6.49 -28.38 11.83
CA SER C 17 -5.82 -27.74 10.72
C SER C 17 -6.84 -27.15 9.75
N GLU C 26 4.44 -14.27 7.26
CA GLU C 26 5.02 -13.45 8.33
C GLU C 26 3.96 -12.56 9.00
N GLY C 27 3.74 -11.38 8.44
CA GLY C 27 3.04 -10.30 9.12
C GLY C 27 1.79 -10.11 8.34
N VAL C 28 1.03 -11.20 8.23
CA VAL C 28 -0.17 -11.26 7.44
C VAL C 28 -1.29 -11.75 8.28
N CYS C 29 -2.49 -11.33 7.93
CA CYS C 29 -3.68 -11.72 8.64
C CYS C 29 -4.68 -12.33 7.69
N ILE C 30 -5.02 -13.59 7.95
CA ILE C 30 -6.12 -14.27 7.28
C ILE C 30 -7.38 -13.96 8.04
N THR C 31 -8.32 -13.38 7.33
CA THR C 31 -9.58 -12.98 7.89
C THR C 31 -10.71 -13.02 6.82
N ASP C 32 -11.91 -12.64 7.22
CA ASP C 32 -13.14 -12.79 6.42
C ASP C 32 -13.45 -14.25 6.16
N PRO C 33 -13.60 -15.01 7.26
CA PRO C 33 -13.64 -16.44 7.14
C PRO C 33 -15.05 -16.95 6.83
N LEU C 34 -15.14 -17.92 5.91
CA LEU C 34 -16.39 -18.63 5.59
C LEU C 34 -16.16 -20.10 5.76
N LEU C 35 -17.09 -20.78 6.45
CA LEU C 35 -17.18 -22.23 6.44
C LEU C 35 -18.61 -22.71 6.39
N ALA C 36 -18.89 -23.58 5.43
CA ALA C 36 -20.18 -24.24 5.30
C ALA C 36 -19.93 -25.74 5.14
N VAL C 37 -20.89 -26.55 5.57
CA VAL C 37 -20.73 -27.99 5.57
C VAL C 37 -21.98 -28.64 5.12
N ASP C 38 -21.99 -29.22 3.90
CA ASP C 38 -23.20 -29.86 3.40
C ASP C 38 -23.07 -31.34 3.05
N ASN C 39 -23.67 -32.14 3.94
CA ASN C 39 -23.92 -33.58 3.77
C ASN C 39 -22.70 -34.49 3.52
N GLY C 40 -21.52 -33.89 3.45
CA GLY C 40 -20.29 -34.58 3.04
C GLY C 40 -19.23 -33.61 2.57
N PHE C 41 -19.67 -32.45 2.13
CA PHE C 41 -18.81 -31.51 1.47
C PHE C 41 -18.73 -30.21 2.26
N PHE C 42 -17.69 -29.43 1.98
CA PHE C 42 -17.47 -28.16 2.64
C PHE C 42 -17.08 -27.07 1.67
N ALA C 43 -17.49 -25.88 2.08
CA ALA C 43 -17.24 -24.66 1.40
C ALA C 43 -16.29 -23.87 2.26
N TYR C 44 -15.46 -23.02 1.63
CA TYR C 44 -14.56 -22.19 2.43
C TYR C 44 -14.04 -20.98 1.66
N SER C 45 -13.88 -19.87 2.37
CA SER C 45 -13.16 -18.72 1.89
C SER C 45 -12.48 -17.93 3.01
N HIS C 46 -11.49 -17.15 2.60
CA HIS C 46 -10.87 -16.20 3.49
C HIS C 46 -10.29 -15.06 2.64
N LEU C 47 -9.77 -14.04 3.33
CA LEU C 47 -8.97 -12.99 2.72
C LEU C 47 -7.61 -12.79 3.37
N GLU C 48 -6.60 -12.83 2.54
CA GLU C 48 -5.27 -12.76 3.01
C GLU C 48 -4.99 -11.29 3.02
N LYS C 49 -4.57 -10.76 4.16
CA LYS C 49 -4.21 -9.35 4.27
C LYS C 49 -2.73 -9.23 4.59
N ILE C 50 -2.04 -8.26 3.95
CA ILE C 50 -0.69 -7.85 4.39
C ILE C 50 -0.84 -6.92 5.59
N GLY C 51 -0.66 -7.49 6.77
CA GLY C 51 -0.68 -6.76 8.01
C GLY C 51 -2.02 -6.81 8.67
N SER C 52 -2.39 -5.66 9.22
CA SER C 52 -3.60 -5.48 10.01
C SER C 52 -4.80 -6.27 9.47
N CYS C 53 -5.48 -6.95 10.39
CA CYS C 53 -6.63 -7.75 10.05
C CYS C 53 -7.77 -6.89 9.53
N THR C 54 -7.69 -5.59 9.81
CA THR C 54 -8.73 -4.62 9.39
C THR C 54 -8.35 -3.89 8.09
N ARG C 55 -7.14 -3.35 8.08
CA ARG C 55 -6.72 -2.38 7.08
C ARG C 55 -5.70 -2.91 6.06
N GLY C 56 -4.82 -3.80 6.52
CA GLY C 56 -3.73 -4.34 5.69
C GLY C 56 -4.05 -4.58 4.22
N ILE C 57 -3.08 -4.35 3.34
CA ILE C 57 -3.34 -4.53 1.90
C ILE C 57 -3.82 -5.96 1.68
N ALA C 58 -4.85 -6.12 0.85
CA ALA C 58 -5.48 -7.42 0.61
C ALA C 58 -4.62 -8.26 -0.33
N LYS C 59 -4.02 -9.34 0.18
CA LYS C 59 -3.17 -10.18 -0.65
C LYS C 59 -3.95 -10.88 -1.74
N GLN C 60 -4.77 -11.83 -1.30
CA GLN C 60 -5.49 -12.71 -2.22
C GLN C 60 -6.67 -13.45 -1.55
N ARG C 61 -7.82 -13.30 -2.21
CA ARG C 61 -9.07 -13.86 -1.81
C ARG C 61 -9.12 -15.30 -2.32
N ILE C 62 -9.53 -16.24 -1.46
CA ILE C 62 -9.71 -17.61 -1.92
C ILE C 62 -11.08 -18.13 -1.56
N ILE C 63 -11.54 -19.02 -2.40
CA ILE C 63 -12.81 -19.61 -2.28
C ILE C 63 -12.61 -21.00 -2.73
N GLY C 64 -12.86 -21.93 -1.85
CA GLY C 64 -12.61 -23.34 -2.12
C GLY C 64 -13.70 -24.22 -1.57
N VAL C 65 -13.61 -25.46 -1.98
CA VAL C 65 -14.55 -26.47 -1.60
C VAL C 65 -13.87 -27.82 -1.64
N GLY C 66 -14.44 -28.75 -0.88
CA GLY C 66 -13.84 -30.08 -0.76
C GLY C 66 -14.57 -30.93 0.23
N GLU C 67 -14.01 -32.06 0.59
CA GLU C 67 -14.73 -33.06 1.36
C GLU C 67 -14.32 -33.20 2.82
N VAL C 68 -15.32 -33.62 3.58
CA VAL C 68 -15.22 -33.80 5.00
C VAL C 68 -15.08 -35.29 5.29
N LEU C 69 -13.85 -35.75 5.44
CA LEU C 69 -13.55 -37.18 5.41
C LEU C 69 -12.97 -37.63 6.69
N ASP C 70 -13.54 -38.69 7.25
CA ASP C 70 -12.94 -39.42 8.36
C ASP C 70 -11.88 -40.32 7.78
N ARG C 71 -10.80 -40.60 8.48
CA ARG C 71 -9.97 -41.73 8.07
C ARG C 71 -10.26 -42.86 9.06
N GLY C 72 -9.25 -43.23 9.84
CA GLY C 72 -9.27 -44.45 10.64
C GLY C 72 -9.41 -44.20 12.12
N ASP C 73 -9.04 -42.99 12.55
CA ASP C 73 -9.22 -42.56 13.94
C ASP C 73 -10.63 -42.00 14.16
N LYS C 74 -11.42 -41.99 13.08
CA LYS C 74 -12.81 -41.57 13.18
C LYS C 74 -12.87 -40.13 13.60
N VAL C 75 -11.82 -39.36 13.35
CA VAL C 75 -11.93 -37.91 13.46
C VAL C 75 -12.11 -37.46 12.03
N PRO C 76 -13.01 -36.52 11.76
CA PRO C 76 -13.14 -36.03 10.39
C PRO C 76 -11.93 -35.18 10.01
N SER C 77 -11.83 -34.77 8.73
CA SER C 77 -10.79 -33.84 8.32
C SER C 77 -10.98 -33.14 7.00
N MET C 78 -10.12 -32.13 6.77
CA MET C 78 -10.27 -31.17 5.69
C MET C 78 -9.58 -31.71 4.48
N PHE C 79 -10.32 -31.82 3.39
CA PHE C 79 -9.76 -32.22 2.07
C PHE C 79 -10.25 -31.30 0.96
N MET C 80 -9.73 -30.08 0.95
CA MET C 80 -9.95 -29.14 -0.17
C MET C 80 -9.78 -29.84 -1.53
N THR C 81 -10.78 -29.71 -2.41
CA THR C 81 -10.69 -30.28 -3.75
C THR C 81 -10.39 -29.23 -4.84
N ASN C 82 -11.00 -28.08 -4.69
CA ASN C 82 -11.08 -27.18 -5.78
C ASN C 82 -11.00 -25.83 -5.14
N VAL C 83 -10.22 -24.94 -5.70
CA VAL C 83 -9.96 -23.69 -5.04
C VAL C 83 -9.96 -22.64 -6.09
N TRP C 84 -10.49 -21.45 -5.72
CA TRP C 84 -10.72 -20.33 -6.65
C TRP C 84 -10.24 -18.97 -6.22
N THR C 85 -9.44 -18.33 -7.06
CA THR C 85 -8.91 -17.01 -6.76
C THR C 85 -9.49 -16.00 -7.73
N PRO C 86 -10.27 -15.05 -7.20
CA PRO C 86 -10.62 -13.88 -8.05
C PRO C 86 -9.35 -13.09 -8.40
N PRO C 87 -9.35 -12.35 -9.52
CA PRO C 87 -8.18 -11.67 -10.12
C PRO C 87 -7.73 -10.40 -9.38
N ASN C 88 -8.70 -9.72 -8.75
CA ASN C 88 -8.43 -8.65 -7.78
C ASN C 88 -9.14 -9.00 -6.43
N PRO C 89 -8.35 -9.16 -5.37
CA PRO C 89 -8.97 -9.59 -4.12
C PRO C 89 -9.67 -8.46 -3.36
N SER C 90 -9.59 -7.25 -3.91
CA SER C 90 -10.02 -6.08 -3.19
C SER C 90 -11.52 -5.85 -3.38
N THR C 91 -12.07 -6.51 -4.39
CA THR C 91 -13.37 -6.12 -4.91
C THR C 91 -14.52 -7.11 -4.62
N ILE C 92 -14.20 -8.25 -4.01
CA ILE C 92 -15.22 -9.21 -3.58
C ILE C 92 -15.47 -9.10 -2.09
N HIS C 93 -16.72 -9.28 -1.67
CA HIS C 93 -17.11 -9.14 -0.26
C HIS C 93 -18.31 -9.96 0.21
N HIS C 94 -18.31 -10.22 1.52
CA HIS C 94 -19.41 -10.87 2.24
C HIS C 94 -19.99 -12.09 1.52
N CYS C 95 -19.12 -13.01 1.16
CA CYS C 95 -19.54 -14.18 0.43
C CYS C 95 -20.33 -15.16 1.30
N SER C 96 -21.17 -15.96 0.64
CA SER C 96 -22.02 -16.95 1.30
C SER C 96 -22.31 -18.13 0.37
N SER C 97 -22.34 -19.33 0.91
CA SER C 97 -22.40 -20.48 0.04
C SER C 97 -23.46 -21.48 0.45
N THR C 98 -24.22 -21.91 -0.55
CA THR C 98 -25.28 -22.89 -0.38
C THR C 98 -24.95 -24.04 -1.35
N TYR C 99 -24.85 -25.27 -0.83
CA TYR C 99 -24.53 -26.46 -1.66
C TYR C 99 -25.75 -26.86 -2.51
N HIS C 100 -25.52 -27.47 -3.68
CA HIS C 100 -26.60 -28.15 -4.42
C HIS C 100 -26.17 -29.14 -5.56
N GLU C 101 -26.75 -30.35 -5.52
CA GLU C 101 -26.47 -31.41 -6.51
C GLU C 101 -25.06 -31.31 -7.06
N ASP C 102 -24.09 -31.76 -6.26
CA ASP C 102 -22.66 -31.78 -6.66
C ASP C 102 -22.08 -30.41 -6.95
N PHE C 103 -22.69 -29.35 -6.40
CA PHE C 103 -22.00 -28.03 -6.33
C PHE C 103 -22.23 -27.32 -5.05
N TYR C 104 -21.24 -26.51 -4.72
CA TYR C 104 -21.44 -25.42 -3.85
C TYR C 104 -21.55 -24.24 -4.77
N TYR C 105 -22.53 -23.40 -4.47
CA TYR C 105 -22.73 -22.15 -5.16
C TYR C 105 -22.43 -21.11 -4.11
N THR C 106 -21.73 -20.05 -4.48
CA THR C 106 -21.35 -19.10 -3.45
C THR C 106 -21.45 -17.70 -3.94
N LEU C 107 -22.27 -16.93 -3.24
CA LEU C 107 -22.65 -15.61 -3.63
C LEU C 107 -21.80 -14.62 -2.85
N CYS C 108 -20.91 -13.97 -3.60
CA CYS C 108 -20.21 -12.78 -3.11
C CYS C 108 -20.93 -11.56 -3.66
N ALA C 109 -20.69 -10.41 -3.05
CA ALA C 109 -21.02 -9.17 -3.72
C ALA C 109 -19.71 -8.52 -4.12
N VAL C 110 -19.79 -7.65 -5.13
CA VAL C 110 -18.63 -7.05 -5.80
C VAL C 110 -18.56 -5.56 -5.52
N SER C 111 -17.38 -4.98 -5.32
CA SER C 111 -17.33 -3.56 -4.97
C SER C 111 -16.12 -2.77 -5.45
N HIS C 112 -16.43 -1.59 -5.98
CA HIS C 112 -15.48 -0.58 -6.42
C HIS C 112 -15.16 0.37 -5.24
N VAL C 113 -15.97 0.32 -4.19
CA VAL C 113 -15.91 1.34 -3.14
C VAL C 113 -15.67 0.77 -1.73
N GLY C 114 -15.17 -0.45 -1.67
CA GLY C 114 -14.85 -1.07 -0.40
C GLY C 114 -16.05 -1.72 0.20
N ASP C 115 -15.91 -2.14 1.44
CA ASP C 115 -16.94 -2.90 2.16
C ASP C 115 -18.27 -2.16 2.13
N PRO C 116 -19.25 -2.67 1.40
CA PRO C 116 -20.50 -1.96 1.14
C PRO C 116 -21.24 -1.48 2.40
N ILE C 117 -21.24 -2.34 3.43
CA ILE C 117 -21.87 -2.06 4.73
C ILE C 117 -21.38 -0.70 5.29
N LEU C 118 -20.15 -0.30 4.93
CA LEU C 118 -19.52 0.91 5.43
C LEU C 118 -19.29 1.96 4.39
N ASN C 119 -19.72 1.70 3.17
CA ASN C 119 -19.73 2.70 2.10
C ASN C 119 -20.91 2.33 1.20
N SER C 120 -22.05 2.16 1.86
CA SER C 120 -23.27 1.62 1.27
C SER C 120 -23.92 2.55 0.23
N THR C 121 -24.07 3.83 0.57
CA THR C 121 -24.64 4.82 -0.36
C THR C 121 -23.85 4.87 -1.67
N SER C 122 -22.56 4.59 -1.62
CA SER C 122 -21.69 4.64 -2.79
C SER C 122 -21.62 3.29 -3.56
N TRP C 123 -22.31 2.28 -3.04
CA TRP C 123 -22.17 0.91 -3.56
C TRP C 123 -23.08 0.63 -4.74
N THR C 124 -22.50 0.49 -5.93
CA THR C 124 -23.18 -0.23 -6.99
C THR C 124 -23.71 -1.51 -6.32
N GLU C 125 -24.98 -1.85 -6.53
CA GLU C 125 -25.54 -3.05 -5.92
C GLU C 125 -25.31 -4.16 -6.88
N SER C 126 -24.05 -4.48 -7.10
CA SER C 126 -23.66 -5.49 -8.11
C SER C 126 -23.35 -6.82 -7.43
N LEU C 127 -23.74 -7.92 -8.07
CA LEU C 127 -23.53 -9.24 -7.48
C LEU C 127 -22.91 -10.21 -8.46
N SER C 128 -22.46 -11.34 -7.92
CA SER C 128 -21.85 -12.38 -8.71
C SER C 128 -21.85 -13.66 -7.90
N LEU C 129 -22.07 -14.77 -8.59
CA LEU C 129 -21.99 -16.07 -7.98
C LEU C 129 -20.92 -16.95 -8.58
N ILE C 130 -20.32 -17.79 -7.74
CA ILE C 130 -19.34 -18.76 -8.18
C ILE C 130 -19.73 -20.20 -7.81
N ARG C 131 -19.96 -21.04 -8.82
CA ARG C 131 -20.25 -22.43 -8.60
C ARG C 131 -18.97 -23.16 -8.72
N LEU C 132 -18.67 -23.99 -7.74
CA LEU C 132 -17.46 -24.78 -7.75
C LEU C 132 -17.84 -26.25 -7.64
N ALA C 133 -17.33 -27.09 -8.54
CA ALA C 133 -17.54 -28.51 -8.40
C ALA C 133 -16.81 -28.93 -7.12
N VAL C 134 -17.44 -29.85 -6.39
CA VAL C 134 -16.83 -30.44 -5.24
C VAL C 134 -15.96 -31.65 -5.62
N ARG C 135 -16.25 -32.30 -6.74
CA ARG C 135 -15.53 -33.53 -7.12
C ARG C 135 -14.99 -33.43 -8.56
N PRO C 136 -14.16 -32.41 -8.84
CA PRO C 136 -14.01 -31.74 -10.13
C PRO C 136 -13.70 -32.69 -11.27
N ASP C 142 -15.00 -26.47 -17.60
CA ASP C 142 -15.73 -25.53 -16.75
C ASP C 142 -16.87 -26.14 -15.89
N TYR C 143 -16.99 -27.46 -15.88
CA TYR C 143 -17.80 -28.13 -14.85
C TYR C 143 -17.20 -27.81 -13.49
N ASN C 144 -15.88 -27.75 -13.42
CA ASN C 144 -15.18 -27.54 -12.16
C ASN C 144 -15.45 -26.12 -11.58
N GLN C 145 -15.30 -25.10 -12.42
CA GLN C 145 -15.44 -23.72 -11.93
C GLN C 145 -16.22 -22.85 -12.92
N LYS C 146 -17.21 -22.11 -12.43
CA LYS C 146 -18.01 -21.19 -13.25
C LYS C 146 -18.25 -19.88 -12.53
N TYR C 147 -18.46 -18.83 -13.32
CA TYR C 147 -18.71 -17.47 -12.82
C TYR C 147 -20.00 -16.91 -13.41
N ILE C 148 -20.67 -16.08 -12.65
CA ILE C 148 -21.85 -15.39 -13.13
C ILE C 148 -21.88 -13.98 -12.60
N ALA C 149 -22.32 -13.06 -13.43
CA ALA C 149 -22.63 -11.72 -12.99
C ALA C 149 -24.14 -11.61 -12.93
N ILE C 150 -24.70 -11.65 -11.72
CA ILE C 150 -26.16 -11.65 -11.58
C ILE C 150 -26.68 -10.31 -12.09
N THR C 151 -27.63 -10.46 -12.98
CA THR C 151 -28.08 -9.46 -13.90
C THR C 151 -29.44 -8.96 -13.47
N LYS C 152 -30.25 -9.91 -13.00
CA LYS C 152 -31.57 -9.67 -12.50
C LYS C 152 -31.59 -9.94 -10.99
N VAL C 153 -32.16 -8.98 -10.26
CA VAL C 153 -32.31 -9.08 -8.81
C VAL C 153 -33.58 -8.38 -8.35
N GLU C 154 -34.53 -9.17 -7.84
CA GLU C 154 -35.85 -8.65 -7.40
C GLU C 154 -35.81 -8.43 -5.91
N ARG C 155 -35.91 -7.18 -5.47
CA ARG C 155 -35.80 -6.89 -4.03
C ARG C 155 -36.96 -6.12 -3.42
N GLY C 156 -37.80 -5.51 -4.25
CA GLY C 156 -39.10 -5.00 -3.79
C GLY C 156 -39.14 -3.53 -3.46
N LYS C 157 -38.82 -3.19 -2.23
CA LYS C 157 -38.72 -1.80 -1.88
C LYS C 157 -37.25 -1.46 -1.67
N TYR C 158 -36.51 -2.39 -1.07
CA TYR C 158 -35.12 -2.14 -0.67
C TYR C 158 -34.34 -1.65 -1.87
N ASP C 159 -33.56 -0.59 -1.70
CA ASP C 159 -32.89 0.00 -2.87
C ASP C 159 -31.86 -0.97 -3.40
N LYS C 160 -31.25 -1.71 -2.48
CA LYS C 160 -30.39 -2.79 -2.93
C LYS C 160 -30.22 -3.86 -1.84
N VAL C 161 -29.89 -5.05 -2.32
CA VAL C 161 -29.69 -6.19 -1.43
C VAL C 161 -28.33 -6.83 -1.65
N MET C 162 -27.96 -7.69 -0.70
CA MET C 162 -26.63 -8.24 -0.66
C MET C 162 -26.59 -9.45 0.27
N PRO C 163 -25.69 -10.44 -0.01
CA PRO C 163 -25.56 -11.59 0.92
C PRO C 163 -25.12 -11.13 2.29
N TYR C 164 -25.48 -11.86 3.32
CA TYR C 164 -25.05 -11.45 4.66
C TYR C 164 -25.11 -12.63 5.63
N GLY C 165 -24.10 -13.49 5.48
CA GLY C 165 -23.87 -14.65 6.35
C GLY C 165 -22.94 -15.63 5.65
N PRO C 166 -22.45 -16.66 6.38
CA PRO C 166 -21.61 -17.63 5.70
C PRO C 166 -22.41 -18.54 4.80
N SER C 167 -23.48 -19.15 5.32
CA SER C 167 -24.10 -20.29 4.62
C SER C 167 -25.62 -20.27 4.52
N GLY C 168 -26.14 -20.98 3.53
CA GLY C 168 -27.57 -21.20 3.42
C GLY C 168 -27.96 -22.66 3.30
N ILE C 169 -29.07 -22.90 2.59
CA ILE C 169 -29.63 -24.23 2.37
C ILE C 169 -30.40 -24.33 1.05
N LYS C 170 -30.71 -25.56 0.64
CA LYS C 170 -31.50 -25.83 -0.59
C LYS C 170 -32.91 -26.40 -0.32
N GLN C 171 -33.80 -26.16 -1.27
CA GLN C 171 -35.17 -26.67 -1.19
C GLN C 171 -35.66 -27.19 -2.56
N GLY C 172 -35.51 -28.49 -2.78
CA GLY C 172 -35.62 -29.04 -4.12
C GLY C 172 -34.64 -28.29 -5.00
N ASP C 173 -35.16 -27.44 -5.88
CA ASP C 173 -34.33 -26.67 -6.82
C ASP C 173 -34.10 -25.25 -6.45
N THR C 174 -34.05 -24.93 -5.18
CA THR C 174 -33.90 -23.53 -4.83
C THR C 174 -33.02 -23.28 -3.66
N LEU C 175 -32.11 -22.37 -3.90
CA LEU C 175 -31.14 -22.04 -2.93
C LEU C 175 -31.70 -20.87 -2.11
N TYR C 176 -31.22 -20.81 -0.87
CA TYR C 176 -31.51 -19.72 0.05
C TYR C 176 -30.24 -19.34 0.77
N PHE C 177 -29.75 -18.14 0.49
CA PHE C 177 -28.59 -17.55 1.12
C PHE C 177 -29.02 -16.51 2.18
N PRO C 178 -28.23 -16.35 3.24
CA PRO C 178 -28.51 -15.20 4.07
C PRO C 178 -28.06 -13.92 3.37
N ALA C 179 -28.88 -12.89 3.52
CA ALA C 179 -28.68 -11.63 2.84
C ALA C 179 -29.40 -10.59 3.62
N VAL C 180 -29.30 -9.36 3.15
CA VAL C 180 -29.78 -8.23 3.91
C VAL C 180 -30.29 -7.22 2.93
N GLY C 181 -31.25 -6.41 3.37
CA GLY C 181 -31.83 -5.35 2.58
C GLY C 181 -31.57 -3.99 3.19
N PHE C 182 -31.36 -3.01 2.31
CA PHE C 182 -30.97 -1.69 2.67
C PHE C 182 -32.10 -0.75 2.31
N LEU C 183 -33.00 -0.51 3.24
CA LEU C 183 -34.09 0.45 3.03
C LEU C 183 -33.60 1.79 3.54
N PRO C 184 -33.95 2.91 2.85
CA PRO C 184 -33.75 4.22 3.52
C PRO C 184 -34.83 4.50 4.60
N ARG C 185 -34.45 4.81 5.83
CA ARG C 185 -35.50 4.89 6.85
C ARG C 185 -36.53 5.95 6.46
N THR C 186 -36.14 6.89 5.60
CA THR C 186 -37.13 7.78 5.00
C THR C 186 -38.34 6.98 4.53
N GLU C 187 -38.16 5.67 4.32
CA GLU C 187 -39.27 4.79 3.95
C GLU C 187 -39.54 3.70 5.00
N PHE C 188 -38.75 3.68 6.07
CA PHE C 188 -38.82 2.59 7.02
C PHE C 188 -39.92 2.78 8.03
N GLN C 189 -40.75 1.76 8.16
CA GLN C 189 -41.93 1.83 9.01
C GLN C 189 -41.77 1.04 10.29
N TYR C 190 -41.72 1.79 11.38
CA TYR C 190 -41.70 1.22 12.70
C TYR C 190 -42.46 2.07 13.71
N ASN C 191 -43.26 1.40 14.53
CA ASN C 191 -43.98 2.05 15.64
C ASN C 191 -43.11 2.01 16.87
N ASP C 192 -42.74 3.18 17.38
CA ASP C 192 -41.82 3.28 18.52
C ASP C 192 -42.38 2.80 19.84
N SER C 193 -43.69 2.73 19.93
CA SER C 193 -44.31 2.14 21.11
C SER C 193 -43.91 0.69 21.29
N ASN C 194 -43.66 0.00 20.17
CA ASN C 194 -43.21 -1.40 20.17
C ASN C 194 -41.80 -1.57 20.65
N CYS C 195 -41.03 -0.48 20.78
CA CYS C 195 -39.64 -0.59 21.28
C CYS C 195 -39.64 -0.91 22.77
N PRO C 196 -39.09 -2.06 23.17
CA PRO C 196 -39.35 -2.53 24.49
C PRO C 196 -38.35 -1.93 25.47
N ILE C 197 -38.81 -0.91 26.18
CA ILE C 197 -38.03 -0.16 27.20
C ILE C 197 -38.66 -0.17 28.60
N ILE C 198 -39.65 -1.03 28.82
CA ILE C 198 -40.44 -0.94 30.05
C ILE C 198 -39.67 -1.20 31.35
N HIS C 199 -38.74 -2.15 31.37
CA HIS C 199 -37.85 -2.27 32.57
C HIS C 199 -36.52 -1.62 32.30
N CYS C 200 -36.48 -0.67 31.37
CA CYS C 200 -35.25 0.00 30.96
C CYS C 200 -35.28 1.47 31.34
N LYS C 201 -34.85 1.75 32.57
CA LYS C 201 -34.82 3.06 33.14
C LYS C 201 -34.53 4.12 32.08
N TYR C 202 -33.36 3.99 31.46
CA TYR C 202 -32.76 5.06 30.68
C TYR C 202 -33.02 4.97 29.18
N SER C 203 -33.49 3.83 28.70
CA SER C 203 -33.60 3.62 27.26
C SER C 203 -34.78 4.40 26.71
N LYS C 204 -34.55 5.20 25.64
CA LYS C 204 -35.63 5.93 24.90
C LYS C 204 -36.39 5.03 23.94
N ALA C 205 -37.48 5.58 23.39
CA ALA C 205 -38.33 4.82 22.51
C ALA C 205 -37.81 4.78 21.09
N GLU C 206 -37.10 5.82 20.65
CA GLU C 206 -36.56 5.82 19.28
C GLU C 206 -35.35 4.87 19.17
N ASN C 207 -34.69 4.59 20.28
CA ASN C 207 -33.58 3.66 20.30
C ASN C 207 -33.69 2.59 19.20
N CYS C 208 -34.70 1.76 19.28
CA CYS C 208 -34.81 0.61 18.42
C CYS C 208 -34.63 1.07 17.01
N ARG C 209 -35.46 2.02 16.59
CA ARG C 209 -35.45 2.56 15.20
C ARG C 209 -34.09 3.17 14.77
N LEU C 210 -33.52 4.06 15.55
CA LEU C 210 -32.17 4.53 15.26
C LEU C 210 -31.23 3.36 15.12
N SER C 211 -31.40 2.37 16.00
CA SER C 211 -30.46 1.26 16.13
C SER C 211 -30.57 0.27 14.96
N MET C 212 -31.51 0.50 14.05
CA MET C 212 -31.59 -0.31 12.85
C MET C 212 -30.65 0.19 11.77
N GLY C 213 -29.87 1.24 12.05
CA GLY C 213 -28.82 1.67 11.14
C GLY C 213 -27.48 1.70 11.84
N VAL C 214 -26.43 2.00 11.08
CA VAL C 214 -25.12 2.20 11.65
C VAL C 214 -25.06 3.45 12.52
N ASN C 215 -25.27 4.59 11.86
CA ASN C 215 -25.45 5.86 12.54
C ASN C 215 -26.94 5.98 12.77
N SER C 216 -27.34 6.62 13.86
CA SER C 216 -28.77 6.89 14.15
C SER C 216 -29.35 7.70 13.02
N LYS C 217 -28.45 8.44 12.38
CA LYS C 217 -28.74 9.30 11.24
C LYS C 217 -28.52 8.63 9.87
N SER C 218 -27.88 7.47 9.85
CA SER C 218 -27.62 6.72 8.62
C SER C 218 -28.66 6.91 7.52
N HIS C 219 -28.20 6.92 6.27
CA HIS C 219 -29.12 7.03 5.13
C HIS C 219 -30.06 5.81 4.98
N TYR C 220 -29.54 4.61 5.19
CA TYR C 220 -30.30 3.36 5.10
C TYR C 220 -30.41 2.68 6.48
N ILE C 221 -31.32 1.71 6.62
CA ILE C 221 -31.28 0.69 7.71
C ILE C 221 -31.09 -0.68 7.10
N LEU C 222 -30.68 -1.64 7.91
CA LEU C 222 -30.31 -2.99 7.42
C LEU C 222 -31.32 -3.97 7.91
N ARG C 223 -32.08 -4.55 6.98
CA ARG C 223 -33.07 -5.57 7.29
C ARG C 223 -32.49 -6.87 6.85
N SER C 224 -32.49 -7.85 7.74
CA SER C 224 -32.00 -9.20 7.39
C SER C 224 -33.08 -10.04 6.74
N GLY C 225 -32.64 -11.07 6.03
CA GLY C 225 -33.50 -11.87 5.16
C GLY C 225 -32.76 -12.95 4.37
N LEU C 226 -33.38 -13.41 3.29
CA LEU C 226 -32.76 -14.38 2.41
C LEU C 226 -32.84 -13.90 0.97
N LEU C 227 -31.87 -14.34 0.18
CA LEU C 227 -31.92 -14.14 -1.25
C LEU C 227 -32.32 -15.44 -1.91
N LYS C 228 -33.43 -15.43 -2.67
CA LYS C 228 -34.04 -16.64 -3.23
C LYS C 228 -33.50 -16.91 -4.65
N TYR C 229 -33.02 -18.12 -4.89
CA TYR C 229 -32.38 -18.47 -6.17
C TYR C 229 -32.76 -19.82 -6.69
N ASN C 230 -33.73 -19.84 -7.59
CA ASN C 230 -34.33 -21.09 -8.10
C ASN C 230 -33.61 -21.59 -9.37
N LEU C 231 -32.97 -22.75 -9.23
CA LEU C 231 -32.27 -23.40 -10.32
C LEU C 231 -33.22 -23.96 -11.36
N SER C 232 -34.50 -24.13 -11.00
CA SER C 232 -35.58 -24.50 -11.95
C SER C 232 -35.82 -23.54 -13.11
N LEU C 233 -35.27 -22.35 -13.00
CA LEU C 233 -35.41 -21.30 -14.01
C LEU C 233 -34.67 -21.71 -15.30
N ILE C 237 -29.93 -16.11 -13.91
CA ILE C 237 -31.12 -16.52 -13.13
C ILE C 237 -31.32 -15.57 -11.97
N ILE C 238 -32.57 -15.12 -11.79
CA ILE C 238 -32.88 -14.01 -10.93
C ILE C 238 -32.75 -14.38 -9.46
N LEU C 239 -32.29 -13.43 -8.65
CA LEU C 239 -32.35 -13.53 -7.19
C LEU C 239 -33.47 -12.66 -6.69
N GLN C 240 -34.08 -13.10 -5.58
CA GLN C 240 -35.24 -12.40 -5.01
C GLN C 240 -35.18 -12.26 -3.47
N PHE C 241 -35.14 -11.02 -2.99
CA PHE C 241 -34.99 -10.78 -1.56
C PHE C 241 -36.25 -11.19 -0.81
N ILE C 242 -36.08 -11.86 0.33
CA ILE C 242 -37.20 -12.09 1.25
C ILE C 242 -36.77 -11.57 2.62
N GLU C 243 -37.51 -10.61 3.15
CA GLU C 243 -37.12 -9.97 4.41
C GLU C 243 -37.49 -10.86 5.58
N ILE C 244 -36.82 -10.64 6.70
CA ILE C 244 -37.20 -11.28 7.95
C ILE C 244 -38.44 -10.61 8.54
N ALA C 245 -39.26 -11.42 9.19
CA ALA C 245 -40.36 -10.95 9.97
C ALA C 245 -39.84 -9.83 10.85
N ASP C 246 -40.69 -8.87 11.16
CA ASP C 246 -40.32 -7.81 12.11
C ASP C 246 -40.11 -8.26 13.59
N ASN C 247 -40.28 -9.56 13.89
CA ASN C 247 -40.39 -10.04 15.26
C ASN C 247 -39.03 -10.19 15.93
N ARG C 248 -38.91 -9.50 17.06
CA ARG C 248 -37.59 -9.31 17.67
C ARG C 248 -36.62 -8.77 16.63
N LEU C 249 -37.00 -7.63 16.05
CA LEU C 249 -36.25 -7.07 14.93
C LEU C 249 -34.97 -6.55 15.49
N THR C 250 -33.89 -6.87 14.80
CA THR C 250 -32.62 -6.22 15.05
C THR C 250 -32.06 -5.80 13.72
N ILE C 251 -31.14 -4.86 13.79
CA ILE C 251 -30.37 -4.44 12.63
C ILE C 251 -29.89 -5.68 11.85
N GLY C 252 -29.90 -5.57 10.53
CA GLY C 252 -29.39 -6.65 9.73
C GLY C 252 -27.96 -7.03 10.13
N SER C 253 -27.68 -8.32 10.13
CA SER C 253 -26.40 -8.82 10.59
C SER C 253 -26.07 -10.03 9.80
N PRO C 254 -24.80 -10.34 9.73
CA PRO C 254 -24.50 -11.67 9.25
C PRO C 254 -25.30 -12.75 10.02
N SER C 255 -25.85 -13.69 9.27
CA SER C 255 -26.72 -14.67 9.84
C SER C 255 -26.79 -15.83 8.88
N LYS C 256 -27.34 -16.93 9.33
CA LYS C 256 -27.18 -18.20 8.61
C LYS C 256 -28.34 -19.10 8.84
N ILE C 257 -28.95 -19.57 7.75
CA ILE C 257 -29.96 -20.62 7.86
C ILE C 257 -29.29 -21.91 7.49
N TYR C 258 -29.75 -22.97 8.12
CA TYR C 258 -29.12 -24.26 7.95
C TYR C 258 -30.05 -25.37 8.39
N ASN C 259 -30.17 -26.41 7.57
CA ASN C 259 -31.06 -27.52 7.87
C ASN C 259 -30.53 -28.42 8.95
N SER C 260 -31.38 -28.75 9.92
CA SER C 260 -30.98 -29.57 11.06
C SER C 260 -32.08 -30.54 11.36
N LEU C 261 -31.73 -31.81 11.54
CA LEU C 261 -32.69 -32.86 11.86
C LEU C 261 -34.06 -32.70 11.15
N GLY C 262 -34.03 -32.34 9.87
CA GLY C 262 -35.24 -32.32 8.99
C GLY C 262 -35.82 -30.96 8.61
N GLN C 263 -35.57 -29.96 9.44
CA GLN C 263 -36.13 -28.62 9.29
C GLN C 263 -34.99 -27.61 9.39
N PRO C 264 -35.17 -26.37 8.85
CA PRO C 264 -34.07 -25.43 9.03
C PRO C 264 -34.10 -24.63 10.36
N VAL C 265 -32.95 -24.12 10.76
CA VAL C 265 -32.86 -23.23 11.90
C VAL C 265 -32.09 -22.03 11.38
N PHE C 266 -32.50 -20.83 11.80
CA PHE C 266 -31.89 -19.56 11.40
C PHE C 266 -31.10 -18.96 12.57
N TYR C 267 -30.07 -18.18 12.27
CA TYR C 267 -29.37 -17.46 13.32
C TYR C 267 -28.92 -16.13 12.87
N GLN C 268 -29.09 -15.16 13.76
CA GLN C 268 -28.73 -13.80 13.45
C GLN C 268 -27.73 -13.32 14.45
N ALA C 269 -26.71 -12.65 13.93
CA ALA C 269 -25.70 -12.05 14.77
C ALA C 269 -26.31 -10.93 15.57
N SER C 270 -25.98 -10.89 16.86
CA SER C 270 -26.59 -9.95 17.77
C SER C 270 -25.79 -8.64 17.77
N TYR C 271 -25.84 -7.89 16.66
CA TYR C 271 -24.92 -6.73 16.36
C TYR C 271 -25.22 -5.36 16.96
N SER C 272 -26.36 -5.28 17.65
CA SER C 272 -26.73 -4.08 18.39
C SER C 272 -27.38 -4.54 19.70
N TRP C 273 -28.13 -3.65 20.36
CA TRP C 273 -28.51 -3.80 21.77
C TRP C 273 -29.09 -5.13 22.24
N ASP C 274 -29.75 -5.90 21.39
CA ASP C 274 -30.18 -7.25 21.85
C ASP C 274 -28.99 -8.21 21.76
N THR C 275 -28.31 -8.37 22.88
CA THR C 275 -27.08 -9.10 22.94
C THR C 275 -27.27 -10.50 23.52
N MET C 276 -28.51 -10.92 23.70
CA MET C 276 -28.76 -12.31 23.95
C MET C 276 -28.82 -13.02 22.60
N ILE C 277 -28.53 -14.31 22.56
CA ILE C 277 -28.35 -14.99 21.27
C ILE C 277 -29.64 -14.99 20.46
N LYS C 278 -29.52 -14.73 19.15
CA LYS C 278 -30.67 -14.78 18.25
C LYS C 278 -30.62 -16.01 17.30
N LEU C 279 -31.42 -17.01 17.60
CA LEU C 279 -31.49 -18.20 16.73
C LEU C 279 -32.84 -18.86 16.86
N GLY C 280 -33.11 -19.82 15.98
CA GLY C 280 -34.31 -20.62 16.10
C GLY C 280 -34.85 -21.21 14.82
N ASP C 281 -35.75 -22.17 15.00
CA ASP C 281 -36.38 -22.89 13.90
C ASP C 281 -37.21 -21.95 13.05
N VAL C 282 -37.10 -22.07 11.73
CA VAL C 282 -37.90 -21.23 10.84
C VAL C 282 -39.29 -21.87 10.74
N ASP C 283 -40.34 -21.07 10.82
CA ASP C 283 -41.69 -21.58 10.68
C ASP C 283 -42.04 -21.52 9.18
N THR C 284 -41.78 -20.39 8.54
CA THR C 284 -41.97 -20.28 7.09
C THR C 284 -40.74 -19.65 6.50
N VAL C 285 -40.35 -20.11 5.31
CA VAL C 285 -39.18 -19.59 4.63
C VAL C 285 -39.52 -18.32 3.91
N ASP C 286 -40.58 -18.34 3.11
CA ASP C 286 -40.96 -17.15 2.35
C ASP C 286 -42.44 -16.78 2.53
N PRO C 287 -42.76 -15.79 3.38
CA PRO C 287 -41.94 -14.82 4.10
C PRO C 287 -41.14 -15.43 5.23
N LEU C 288 -40.08 -14.76 5.68
CA LEU C 288 -39.19 -15.37 6.66
C LEU C 288 -39.59 -15.23 8.12
N ARG C 289 -40.25 -16.24 8.66
CA ARG C 289 -40.62 -16.24 10.07
C ARG C 289 -39.74 -17.21 10.86
N VAL C 290 -39.15 -16.72 11.95
CA VAL C 290 -38.22 -17.46 12.79
C VAL C 290 -38.73 -17.49 14.23
N GLN C 291 -39.10 -18.66 14.76
CA GLN C 291 -39.54 -18.75 16.17
C GLN C 291 -38.34 -18.64 17.10
N TRP C 292 -37.80 -17.43 17.22
CA TRP C 292 -36.60 -17.14 18.04
C TRP C 292 -36.73 -17.68 19.43
N ARG C 293 -35.66 -18.29 19.91
CA ARG C 293 -35.63 -18.86 21.24
C ARG C 293 -35.65 -17.70 22.22
N ASN C 294 -36.37 -17.92 23.34
CA ASN C 294 -36.20 -17.14 24.55
C ASN C 294 -35.04 -17.73 25.34
N ASN C 295 -33.81 -17.41 24.91
CA ASN C 295 -32.55 -17.93 25.51
C ASN C 295 -31.79 -16.90 26.36
N SER C 296 -31.54 -17.28 27.63
CA SER C 296 -31.08 -16.33 28.66
C SER C 296 -29.61 -16.51 29.08
N VAL C 297 -28.91 -17.44 28.41
CA VAL C 297 -27.53 -17.78 28.80
C VAL C 297 -26.44 -17.33 27.82
N ILE C 298 -26.65 -17.53 26.52
CA ILE C 298 -25.67 -17.13 25.51
C ILE C 298 -25.70 -15.65 25.31
N SER C 299 -24.55 -15.09 24.97
CA SER C 299 -24.52 -13.73 24.47
C SER C 299 -23.31 -13.58 23.58
N ARG C 300 -22.82 -12.33 23.48
CA ARG C 300 -21.60 -12.00 22.77
C ARG C 300 -20.89 -10.82 23.45
N PRO C 301 -19.58 -10.62 23.20
CA PRO C 301 -18.91 -9.36 23.61
C PRO C 301 -19.33 -8.14 22.79
N GLY C 302 -19.70 -7.07 23.47
CA GLY C 302 -19.98 -5.82 22.79
C GLY C 302 -18.90 -4.83 23.03
N GLN C 303 -19.33 -3.57 23.11
CA GLN C 303 -18.50 -2.55 23.70
C GLN C 303 -19.29 -1.82 24.81
N SER C 304 -18.86 -0.60 25.16
CA SER C 304 -19.42 0.09 26.31
C SER C 304 -20.95 0.17 26.21
N GLN C 305 -21.44 0.59 25.06
CA GLN C 305 -22.84 0.95 24.98
C GLN C 305 -23.79 -0.28 24.99
N CYS C 306 -23.34 -1.42 24.43
CA CYS C 306 -24.20 -2.63 24.33
C CYS C 306 -23.37 -3.89 24.55
N PRO C 307 -22.72 -4.00 25.72
CA PRO C 307 -21.86 -5.11 26.10
C PRO C 307 -22.64 -6.35 26.53
N ARG C 308 -21.93 -7.45 26.72
CA ARG C 308 -22.55 -8.71 27.09
C ARG C 308 -23.72 -8.49 27.99
N PHE C 309 -24.74 -9.30 27.81
CA PHE C 309 -25.94 -9.28 28.65
C PHE C 309 -26.73 -7.98 28.65
N ASN C 310 -26.51 -7.11 27.67
CA ASN C 310 -27.39 -5.98 27.48
C ASN C 310 -28.72 -6.40 26.83
N VAL C 311 -29.85 -6.10 27.49
CA VAL C 311 -31.16 -6.38 26.91
C VAL C 311 -31.91 -5.11 26.59
N CYS C 312 -31.46 -3.99 27.18
CA CYS C 312 -32.12 -2.67 27.10
C CYS C 312 -31.75 -1.90 25.85
N PRO C 313 -32.75 -1.47 25.05
CA PRO C 313 -32.55 -0.73 23.81
C PRO C 313 -31.49 0.36 23.89
N GLU C 314 -30.60 0.40 22.91
CA GLU C 314 -29.60 1.46 22.85
C GLU C 314 -29.23 1.72 21.40
N VAL C 315 -28.77 2.93 21.14
CA VAL C 315 -28.36 3.27 19.81
C VAL C 315 -26.92 2.85 19.66
N CYS C 316 -26.71 1.65 19.14
CA CYS C 316 -25.37 1.05 19.03
C CYS C 316 -25.27 0.11 17.81
N TRP C 317 -24.06 -0.08 17.32
CA TRP C 317 -23.77 -1.12 16.33
C TRP C 317 -22.41 -1.75 16.65
N GLU C 318 -22.46 -2.84 17.40
CA GLU C 318 -21.26 -3.40 17.94
C GLU C 318 -21.56 -4.81 18.32
N GLY C 319 -20.57 -5.69 18.14
CA GLY C 319 -20.73 -7.12 18.47
C GLY C 319 -19.81 -8.00 17.63
N THR C 320 -20.03 -9.32 17.75
CA THR C 320 -19.30 -10.32 16.97
C THR C 320 -20.20 -11.51 16.56
N TYR C 321 -19.87 -12.15 15.44
CA TYR C 321 -20.66 -13.28 14.95
C TYR C 321 -20.21 -14.57 15.65
N ASN C 322 -21.17 -15.30 16.21
CA ASN C 322 -20.92 -16.57 16.88
C ASN C 322 -22.14 -17.41 16.78
N ASP C 323 -22.24 -18.20 15.73
CA ASP C 323 -23.41 -19.02 15.58
C ASP C 323 -23.30 -20.31 16.43
N ALA C 324 -24.45 -20.89 16.71
CA ALA C 324 -24.53 -22.19 17.37
C ALA C 324 -25.24 -23.11 16.43
N PHE C 325 -25.44 -24.34 16.86
CA PHE C 325 -26.06 -25.35 16.01
C PHE C 325 -27.05 -26.19 16.77
N LEU C 326 -28.22 -26.40 16.19
CA LEU C 326 -29.18 -27.29 16.81
C LEU C 326 -28.70 -28.69 16.56
N ILE C 327 -28.45 -29.38 17.64
CA ILE C 327 -28.01 -30.74 17.58
C ILE C 327 -29.09 -31.65 18.16
N ASP C 328 -30.16 -31.08 18.71
CA ASP C 328 -31.27 -31.87 19.25
C ASP C 328 -32.50 -31.02 19.43
N ARG C 329 -33.44 -31.17 18.49
CA ARG C 329 -34.66 -30.36 18.45
C ARG C 329 -35.64 -30.77 19.54
N LEU C 330 -35.77 -32.08 19.79
CA LEU C 330 -36.65 -32.61 20.85
C LEU C 330 -36.46 -31.94 22.21
N ASN C 331 -35.20 -31.75 22.60
CA ASN C 331 -34.90 -30.99 23.81
C ASN C 331 -34.22 -29.67 23.52
N TRP C 332 -34.38 -29.19 22.29
CA TRP C 332 -33.71 -28.00 21.72
C TRP C 332 -32.31 -27.66 22.24
N VAL C 333 -31.44 -28.67 22.20
CA VAL C 333 -30.06 -28.50 22.62
C VAL C 333 -29.25 -28.10 21.37
N SER C 334 -28.43 -27.07 21.51
CA SER C 334 -27.63 -26.54 20.42
C SER C 334 -26.17 -26.61 20.83
N ALA C 335 -25.27 -26.14 19.98
CA ALA C 335 -23.90 -25.91 20.45
C ALA C 335 -23.09 -24.95 19.57
N GLY C 336 -21.96 -24.52 20.08
CA GLY C 336 -21.11 -23.59 19.36
C GLY C 336 -20.10 -22.89 20.26
N VAL C 337 -19.23 -22.11 19.63
CA VAL C 337 -18.12 -21.48 20.33
C VAL C 337 -18.49 -20.07 20.62
N TYR C 338 -18.41 -19.72 21.89
CA TYR C 338 -18.79 -18.42 22.40
C TYR C 338 -17.57 -17.74 23.00
N LEU C 339 -17.44 -16.45 22.77
CA LEU C 339 -16.36 -15.68 23.37
C LEU C 339 -16.82 -15.32 24.80
N ASN C 340 -16.13 -15.85 25.82
CA ASN C 340 -16.44 -15.46 27.18
C ASN C 340 -15.69 -14.17 27.56
N SER C 341 -16.24 -13.05 27.11
CA SER C 341 -15.72 -11.73 27.45
C SER C 341 -16.77 -10.63 27.26
N ASN C 342 -16.94 -9.74 28.24
CA ASN C 342 -17.95 -8.67 28.18
C ASN C 342 -17.77 -7.70 27.00
N GLN C 343 -16.56 -7.17 26.83
CA GLN C 343 -16.29 -6.16 25.78
C GLN C 343 -15.02 -6.48 24.98
N THR C 344 -14.51 -7.71 25.03
CA THR C 344 -13.33 -8.06 24.25
C THR C 344 -13.40 -9.39 23.48
N ALA C 345 -12.68 -9.39 22.37
CA ALA C 345 -12.47 -10.55 21.54
C ALA C 345 -11.50 -11.51 22.21
N GLU C 346 -11.98 -12.28 23.19
CA GLU C 346 -11.10 -13.24 23.89
C GLU C 346 -11.85 -14.50 24.31
N ASN C 347 -11.09 -15.55 24.65
CA ASN C 347 -11.58 -16.68 25.46
C ASN C 347 -12.64 -17.58 24.78
N PRO C 348 -12.43 -17.90 23.49
CA PRO C 348 -13.38 -18.81 22.85
C PRO C 348 -13.53 -20.10 23.63
N VAL C 349 -14.78 -20.45 23.94
CA VAL C 349 -15.12 -21.68 24.65
C VAL C 349 -16.35 -22.33 24.01
N PHE C 350 -16.19 -23.57 23.58
CA PHE C 350 -17.29 -24.35 23.00
C PHE C 350 -18.39 -24.63 24.05
N ALA C 351 -19.62 -24.32 23.69
CA ALA C 351 -20.73 -24.43 24.64
C ALA C 351 -21.85 -25.29 24.09
N VAL C 352 -22.19 -26.32 24.86
CA VAL C 352 -23.35 -27.18 24.59
C VAL C 352 -24.40 -26.78 25.63
N PHE C 353 -25.59 -26.42 25.15
CA PHE C 353 -26.52 -25.58 25.93
C PHE C 353 -28.01 -25.57 25.48
N LYS C 354 -28.82 -24.95 26.29
CA LYS C 354 -30.25 -24.87 26.07
C LYS C 354 -30.67 -23.42 26.38
N ASP C 355 -31.94 -23.12 26.09
CA ASP C 355 -32.49 -21.78 26.28
C ASP C 355 -31.99 -21.12 27.58
N ASN C 356 -32.13 -21.85 28.69
CA ASN C 356 -31.85 -21.32 30.03
C ASN C 356 -30.89 -22.16 30.80
N GLU C 357 -29.83 -22.60 30.12
CA GLU C 357 -28.88 -23.53 30.71
C GLU C 357 -27.76 -24.01 29.79
N ILE C 358 -26.52 -23.79 30.17
CA ILE C 358 -25.39 -24.43 29.51
C ILE C 358 -25.06 -25.75 30.21
N LEU C 359 -25.18 -26.87 29.48
CA LEU C 359 -25.02 -28.21 30.08
C LEU C 359 -23.56 -28.48 30.41
N TYR C 360 -22.70 -28.35 29.40
CA TYR C 360 -21.24 -28.49 29.55
C TYR C 360 -20.61 -27.54 28.53
N GLN C 361 -19.39 -27.11 28.79
CA GLN C 361 -18.67 -26.22 27.87
C GLN C 361 -17.28 -26.76 27.71
N VAL C 362 -16.44 -26.06 26.97
CA VAL C 362 -15.03 -26.38 26.98
C VAL C 362 -14.22 -25.26 26.39
N PRO C 363 -13.22 -24.79 27.13
CA PRO C 363 -12.45 -23.68 26.63
C PRO C 363 -11.44 -24.17 25.63
N LEU C 364 -11.50 -23.59 24.44
CA LEU C 364 -10.63 -24.01 23.35
C LEU C 364 -9.23 -23.40 23.43
N ALA C 365 -9.08 -22.35 24.24
CA ALA C 365 -7.77 -21.75 24.44
C ALA C 365 -7.56 -21.24 25.89
N GLU C 366 -6.40 -20.63 26.14
CA GLU C 366 -6.15 -19.92 27.38
C GLU C 366 -7.22 -18.84 27.69
N ASP C 367 -7.07 -18.23 28.87
CA ASP C 367 -8.03 -17.25 29.35
C ASP C 367 -7.95 -15.97 28.56
N ASP C 368 -6.76 -15.74 28.01
CA ASP C 368 -6.35 -14.48 27.39
C ASP C 368 -5.96 -14.65 25.93
N THR C 369 -6.39 -15.74 25.32
CA THR C 369 -6.17 -15.99 23.90
C THR C 369 -7.19 -15.17 23.13
N ASN C 370 -6.74 -14.50 22.07
CA ASN C 370 -7.61 -13.66 21.27
C ASN C 370 -8.43 -14.49 20.33
N ALA C 371 -9.73 -14.24 20.27
CA ALA C 371 -10.62 -14.89 19.29
C ALA C 371 -11.73 -13.93 18.90
N GLN C 372 -12.43 -14.26 17.84
CA GLN C 372 -13.31 -13.32 17.20
C GLN C 372 -14.51 -13.99 16.52
N LYS C 373 -14.45 -14.31 15.22
CA LYS C 373 -15.66 -14.70 14.48
C LYS C 373 -15.74 -16.22 14.39
N THR C 374 -16.47 -16.80 15.34
CA THR C 374 -16.58 -18.25 15.43
C THR C 374 -17.71 -18.72 14.53
N ILE C 375 -17.64 -19.95 13.99
CA ILE C 375 -18.77 -20.59 13.24
C ILE C 375 -18.88 -22.07 13.58
N THR C 376 -20.08 -22.64 13.46
CA THR C 376 -20.29 -24.02 13.85
C THR C 376 -21.35 -24.77 12.95
N ASP C 377 -20.98 -25.91 12.36
CA ASP C 377 -21.80 -26.63 11.38
C ASP C 377 -21.67 -28.10 11.77
N CYS C 378 -22.74 -28.75 12.19
CA CYS C 378 -22.62 -30.12 12.71
C CYS C 378 -23.20 -31.20 11.77
N PHE C 379 -22.85 -32.46 12.02
CA PHE C 379 -23.22 -33.57 11.14
C PHE C 379 -22.92 -34.87 11.86
N LEU C 380 -23.22 -35.98 11.19
CA LEU C 380 -22.87 -37.31 11.71
C LEU C 380 -21.63 -37.82 10.99
N LEU C 381 -20.70 -38.38 11.77
CA LEU C 381 -19.59 -39.16 11.19
C LEU C 381 -19.70 -40.59 11.69
N GLU C 382 -19.72 -41.54 10.75
CA GLU C 382 -19.89 -42.98 11.01
C GLU C 382 -20.92 -43.25 12.15
N ASN C 383 -22.07 -42.55 12.15
CA ASN C 383 -23.18 -42.75 13.14
C ASN C 383 -23.12 -41.95 14.47
N VAL C 384 -22.28 -40.91 14.52
CA VAL C 384 -22.01 -40.16 15.75
C VAL C 384 -21.92 -38.64 15.51
N ILE C 385 -22.30 -37.86 16.52
CA ILE C 385 -22.49 -36.41 16.35
C ILE C 385 -21.18 -35.68 16.50
N TRP C 386 -20.74 -35.06 15.41
CA TRP C 386 -19.50 -34.32 15.41
C TRP C 386 -19.82 -32.89 15.04
N CYS C 387 -19.10 -31.94 15.65
CA CYS C 387 -19.15 -30.56 15.24
C CYS C 387 -17.77 -30.06 14.93
N ILE C 388 -17.62 -29.61 13.70
CA ILE C 388 -16.54 -28.76 13.35
C ILE C 388 -17.02 -27.41 13.77
N SER C 389 -16.06 -26.60 14.21
CA SER C 389 -16.25 -25.15 14.31
C SER C 389 -15.15 -24.60 13.45
N LEU C 390 -15.23 -23.33 13.20
CA LEU C 390 -14.10 -22.63 12.72
C LEU C 390 -13.85 -21.83 13.95
N VAL C 391 -13.05 -20.78 13.82
CA VAL C 391 -12.90 -19.68 14.80
C VAL C 391 -11.84 -18.80 14.15
N GLU C 392 -11.65 -17.62 14.68
CA GLU C 392 -10.50 -16.89 14.29
C GLU C 392 -9.73 -16.81 15.58
N ILE C 393 -8.58 -17.47 15.65
CA ILE C 393 -7.81 -17.51 16.92
C ILE C 393 -6.41 -16.90 16.74
N TYR C 394 -5.91 -16.26 17.79
CA TYR C 394 -4.49 -15.96 17.90
C TYR C 394 -4.02 -15.57 19.33
N ASP C 395 -2.70 -15.66 19.46
CA ASP C 395 -2.01 -15.42 20.70
C ASP C 395 -1.01 -14.27 20.53
N THR C 396 -0.94 -13.46 21.56
CA THR C 396 -0.09 -12.30 21.56
C THR C 396 1.35 -12.83 21.50
N GLY C 397 2.08 -12.45 20.46
CA GLY C 397 3.39 -12.98 20.16
C GLY C 397 3.39 -13.65 18.80
N ASP C 398 2.26 -14.24 18.41
CA ASP C 398 2.18 -14.99 17.15
C ASP C 398 2.43 -14.16 15.89
N SER C 399 3.14 -14.80 15.00
CA SER C 399 3.64 -14.21 13.80
C SER C 399 2.47 -13.95 12.91
N VAL C 400 2.02 -15.01 12.25
CA VAL C 400 0.96 -14.99 11.25
C VAL C 400 -0.34 -15.31 11.95
N ILE C 401 -1.42 -14.64 11.52
CA ILE C 401 -2.72 -14.75 12.15
C ILE C 401 -3.66 -15.43 11.19
N ARG C 402 -4.25 -16.57 11.59
CA ARG C 402 -5.27 -17.24 10.75
C ARG C 402 -6.26 -18.13 11.51
N PRO C 403 -7.44 -18.32 10.93
CA PRO C 403 -8.48 -19.10 11.60
C PRO C 403 -7.99 -20.49 11.85
N LYS C 404 -8.54 -21.13 12.87
CA LYS C 404 -8.25 -22.53 13.14
C LYS C 404 -9.53 -23.32 13.07
N LEU C 405 -9.40 -24.61 12.72
CA LEU C 405 -10.53 -25.54 12.56
C LEU C 405 -10.61 -26.51 13.72
N PHE C 406 -11.80 -26.69 14.28
CA PHE C 406 -11.90 -27.58 15.43
C PHE C 406 -12.99 -28.66 15.34
N ALA C 407 -12.59 -29.92 15.26
CA ALA C 407 -13.57 -30.97 15.39
C ALA C 407 -14.00 -30.97 16.84
N VAL C 408 -15.14 -31.58 17.12
CA VAL C 408 -15.57 -31.82 18.48
C VAL C 408 -16.68 -32.88 18.51
N LYS C 409 -16.33 -34.03 19.06
CA LYS C 409 -17.32 -35.07 19.29
C LYS C 409 -18.22 -34.65 20.40
N ILE C 410 -19.48 -35.01 20.27
CA ILE C 410 -20.41 -34.82 21.33
C ILE C 410 -20.46 -36.11 22.11
N PRO C 411 -20.29 -36.04 23.44
CA PRO C 411 -20.19 -37.26 24.20
C PRO C 411 -21.52 -37.98 24.20
N ALA C 412 -21.47 -39.30 24.12
CA ALA C 412 -22.64 -40.11 24.36
C ALA C 412 -23.08 -40.05 25.83
N GLN C 413 -22.25 -40.56 26.72
CA GLN C 413 -22.62 -40.56 28.12
C GLN C 413 -22.21 -39.25 28.77
N CYS C 414 -22.84 -38.94 29.92
CA CYS C 414 -22.36 -37.81 30.78
C CYS C 414 -21.39 -38.33 31.85
N SER C 415 -20.27 -38.88 31.41
CA SER C 415 -19.23 -39.38 32.29
C SER C 415 -17.98 -38.57 32.14
N ILE D 1 -0.82 -7.36 30.71
CA ILE D 1 -1.25 -6.97 32.08
C ILE D 1 -2.44 -6.03 32.01
N VAL D 2 -3.30 -6.10 33.03
CA VAL D 2 -4.42 -5.15 33.16
C VAL D 2 -3.95 -3.91 33.90
N LEU D 3 -3.78 -2.84 33.13
CA LEU D 3 -3.29 -1.58 33.63
C LEU D 3 -4.37 -0.87 34.48
N GLU D 4 -3.96 0.20 35.17
CA GLU D 4 -4.78 0.85 36.20
C GLU D 4 -6.00 1.48 35.59
N PRO D 5 -7.20 1.10 36.05
CA PRO D 5 -8.45 1.73 35.56
C PRO D 5 -8.34 3.27 35.48
N ILE D 6 -8.82 3.86 34.40
CA ILE D 6 -8.66 5.29 34.17
C ILE D 6 -9.99 6.04 34.30
N TYR D 7 -10.14 6.82 35.38
CA TYR D 7 -11.39 7.47 35.65
C TYR D 7 -11.51 8.76 34.89
N TRP D 8 -12.49 8.81 34.00
CA TRP D 8 -12.78 10.01 33.25
C TRP D 8 -13.65 10.90 34.16
N ASN D 9 -12.98 11.90 34.75
CA ASN D 9 -13.52 12.75 35.82
C ASN D 9 -12.69 14.04 35.79
N SER D 10 -13.25 15.17 36.22
CA SER D 10 -12.52 16.45 36.15
C SER D 10 -11.52 16.56 37.28
N SER D 11 -11.71 15.70 38.29
CA SER D 11 -10.84 15.65 39.47
C SER D 11 -9.49 14.90 39.23
N ASN D 12 -9.44 14.04 38.20
CA ASN D 12 -8.29 13.14 38.05
C ASN D 12 -6.95 13.81 37.77
N SER D 13 -6.26 14.03 38.88
CA SER D 13 -4.86 14.37 38.92
C SER D 13 -3.90 13.67 37.91
N LYS D 14 -4.39 12.78 37.04
CA LYS D 14 -3.54 12.17 36.00
C LYS D 14 -3.67 12.89 34.65
N PHE D 15 -4.79 13.59 34.46
CA PHE D 15 -4.93 14.53 33.35
C PHE D 15 -4.05 15.75 33.68
N LEU D 16 -2.82 15.69 33.16
CA LEU D 16 -1.83 16.73 33.35
C LEU D 16 -2.09 17.86 32.33
N PRO D 17 -2.10 19.10 32.79
CA PRO D 17 -2.67 20.23 32.06
C PRO D 17 -2.01 20.61 30.71
N GLY D 18 -0.72 20.33 30.53
CA GLY D 18 -0.04 20.52 29.24
C GLY D 18 -0.16 19.31 28.33
N GLN D 19 0.10 18.12 28.86
CA GLN D 19 0.19 16.89 28.05
C GLN D 19 -0.84 15.77 28.39
N GLY D 20 -1.87 16.14 29.16
CA GLY D 20 -2.96 15.22 29.48
C GLY D 20 -2.48 14.03 30.28
N LEU D 21 -3.20 12.91 30.13
CA LEU D 21 -2.76 11.62 30.68
C LEU D 21 -2.04 10.79 29.60
N VAL D 22 -0.72 10.66 29.74
CA VAL D 22 0.06 9.79 28.86
C VAL D 22 0.26 8.42 29.54
N LEU D 23 0.09 7.37 28.74
CA LEU D 23 0.21 6.02 29.24
C LEU D 23 0.84 5.17 28.15
N TYR D 24 1.64 4.20 28.57
CA TYR D 24 2.48 3.40 27.68
C TYR D 24 1.99 1.97 27.56
N PRO D 25 0.81 1.75 26.95
CA PRO D 25 0.37 0.36 26.94
C PRO D 25 1.29 -0.52 26.09
N GLN D 26 1.32 -1.80 26.41
CA GLN D 26 2.02 -2.73 25.59
C GLN D 26 0.99 -3.65 25.02
N ILE D 27 1.25 -4.13 23.82
CA ILE D 27 0.36 -5.04 23.13
C ILE D 27 0.13 -6.29 24.01
N GLY D 28 -1.15 -6.59 24.24
CA GLY D 28 -1.54 -7.65 25.19
C GLY D 28 -2.11 -7.13 26.51
N ASP D 29 -2.05 -5.81 26.71
CA ASP D 29 -2.65 -5.22 27.90
C ASP D 29 -4.17 -5.01 27.74
N LYS D 30 -4.82 -4.63 28.84
CA LYS D 30 -6.15 -4.09 28.71
C LYS D 30 -6.38 -3.00 29.76
N LEU D 31 -7.31 -2.11 29.44
CA LEU D 31 -7.46 -0.83 30.12
C LEU D 31 -8.93 -0.50 30.26
N ASP D 32 -9.33 -0.11 31.45
CA ASP D 32 -10.67 0.37 31.65
C ASP D 32 -10.71 1.91 31.65
N ILE D 33 -11.60 2.49 30.86
CA ILE D 33 -11.94 3.89 31.01
C ILE D 33 -13.38 3.97 31.57
N ILE D 34 -13.53 4.63 32.72
CA ILE D 34 -14.79 4.53 33.51
C ILE D 34 -15.27 5.84 34.10
N CYS D 35 -16.45 6.25 33.67
CA CYS D 35 -17.08 7.41 34.22
C CYS D 35 -17.79 6.95 35.47
N PRO D 36 -17.38 7.51 36.63
CA PRO D 36 -18.08 7.17 37.87
C PRO D 36 -19.50 7.73 37.95
N LYS D 37 -20.36 7.04 38.71
CA LYS D 37 -21.73 7.50 39.01
C LYS D 37 -21.76 8.46 40.22
N VAL D 38 -22.72 9.39 40.25
CA VAL D 38 -22.74 10.46 41.28
C VAL D 38 -23.03 9.92 42.69
N TYR D 46 -22.78 15.07 38.78
CA TYR D 46 -22.34 14.22 37.67
C TYR D 46 -21.85 15.05 36.47
N GLU D 47 -20.72 14.63 35.95
CA GLU D 47 -20.20 15.24 34.76
C GLU D 47 -20.65 14.41 33.57
N TYR D 48 -21.16 15.09 32.54
CA TYR D 48 -21.54 14.42 31.28
C TYR D 48 -20.48 14.54 30.17
N TYR D 49 -20.22 13.41 29.52
CA TYR D 49 -19.25 13.37 28.46
C TYR D 49 -19.54 12.32 27.46
N LYS D 50 -19.23 12.67 26.22
CA LYS D 50 -19.04 11.71 25.15
C LYS D 50 -17.54 11.71 24.89
N VAL D 51 -16.91 10.53 25.00
CA VAL D 51 -15.45 10.37 24.83
C VAL D 51 -15.10 9.59 23.57
N TYR D 52 -14.26 10.18 22.73
CA TYR D 52 -13.96 9.61 21.42
C TYR D 52 -12.48 9.28 21.29
N MET D 53 -12.15 8.15 20.69
CA MET D 53 -10.82 7.97 20.17
C MET D 53 -10.73 8.82 18.89
N VAL D 54 -9.72 9.66 18.80
CA VAL D 54 -9.66 10.63 17.73
C VAL D 54 -8.40 10.32 16.92
N ASP D 55 -8.04 11.19 15.96
CA ASP D 55 -6.66 11.22 15.44
C ASP D 55 -5.89 12.32 16.18
N LYS D 56 -4.61 12.47 15.84
CA LYS D 56 -3.74 13.45 16.47
C LYS D 56 -4.22 14.88 16.24
N ASP D 57 -4.40 15.24 14.98
CA ASP D 57 -4.74 16.60 14.60
C ASP D 57 -6.03 17.03 15.28
N GLN D 58 -6.95 16.06 15.43
CA GLN D 58 -8.16 16.15 16.29
C GLN D 58 -7.85 16.31 17.77
N ALA D 59 -6.92 15.51 18.27
CA ALA D 59 -6.42 15.71 19.62
C ALA D 59 -5.88 17.16 19.81
N ASP D 60 -4.95 17.58 18.93
CA ASP D 60 -4.20 18.85 19.06
C ASP D 60 -5.01 20.11 18.76
N ARG D 61 -6.19 19.93 18.19
CA ARG D 61 -7.14 21.03 17.91
C ARG D 61 -8.44 20.95 18.76
N CYS D 62 -8.61 19.86 19.52
CA CYS D 62 -9.86 19.54 20.26
C CYS D 62 -11.16 19.66 19.43
N THR D 63 -11.24 18.82 18.41
CA THR D 63 -12.36 18.78 17.45
C THR D 63 -12.74 17.30 17.19
N ILE D 64 -14.04 17.01 17.18
CA ILE D 64 -14.55 15.69 16.80
C ILE D 64 -15.56 15.89 15.67
N LYS D 65 -15.38 15.15 14.59
CA LYS D 65 -16.12 15.43 13.37
C LYS D 65 -17.34 14.52 13.25
N LYS D 66 -18.37 15.00 12.56
CA LYS D 66 -19.68 14.32 12.51
C LYS D 66 -19.57 12.77 12.42
N GLU D 67 -18.78 12.27 11.45
CA GLU D 67 -18.51 10.81 11.32
C GLU D 67 -18.24 10.15 12.71
N ASN D 68 -17.60 10.91 13.61
CA ASN D 68 -17.03 10.34 14.83
C ASN D 68 -18.11 9.74 15.65
N THR D 69 -17.86 8.48 15.97
CA THR D 69 -18.72 7.67 16.79
C THR D 69 -17.97 7.61 18.10
N PRO D 70 -18.67 7.72 19.22
CA PRO D 70 -18.02 7.72 20.53
C PRO D 70 -17.67 6.33 21.04
N LEU D 71 -16.82 6.29 22.06
CA LEU D 71 -16.48 5.06 22.81
C LEU D 71 -17.00 5.13 24.26
N LEU D 72 -17.33 6.34 24.71
CA LEU D 72 -17.98 6.49 25.98
C LEU D 72 -19.05 7.54 25.96
N ASN D 73 -20.28 7.11 26.24
CA ASN D 73 -21.42 8.01 26.42
C ASN D 73 -21.77 8.03 27.92
N CYS D 74 -21.18 9.00 28.64
CA CYS D 74 -21.37 9.09 30.09
C CYS D 74 -22.48 10.04 30.43
N ALA D 75 -23.67 9.44 30.49
CA ALA D 75 -24.94 10.13 30.65
C ALA D 75 -25.85 9.30 31.52
N LYS D 76 -25.31 8.60 32.51
CA LYS D 76 -26.10 7.85 33.48
C LYS D 76 -25.64 8.15 34.91
N PRO D 77 -26.25 9.19 35.46
CA PRO D 77 -25.84 9.70 36.76
C PRO D 77 -25.56 8.60 37.74
N ASP D 78 -26.48 7.63 37.84
CA ASP D 78 -26.49 6.62 38.92
C ASP D 78 -25.93 5.26 38.49
N GLN D 79 -25.14 5.29 37.41
CA GLN D 79 -24.57 4.08 36.84
C GLN D 79 -23.11 4.27 36.41
N ASP D 80 -22.25 3.39 36.91
CA ASP D 80 -20.89 3.27 36.40
C ASP D 80 -20.88 2.87 34.91
N ILE D 81 -20.50 3.84 34.05
CA ILE D 81 -20.36 3.53 32.63
C ILE D 81 -18.88 3.35 32.35
N LYS D 82 -18.58 2.18 31.81
CA LYS D 82 -17.20 1.67 31.71
C LYS D 82 -16.93 1.07 30.31
N PHE D 83 -15.73 1.31 29.79
CA PHE D 83 -15.35 0.80 28.48
C PHE D 83 -13.99 0.10 28.52
N THR D 84 -13.90 -1.13 28.00
CA THR D 84 -12.63 -1.93 28.08
C THR D 84 -11.93 -2.06 26.74
N ILE D 85 -10.66 -1.65 26.71
CA ILE D 85 -9.81 -1.82 25.55
C ILE D 85 -8.81 -2.91 25.80
N LYS D 86 -8.80 -3.95 25.00
CA LYS D 86 -7.60 -4.78 24.95
C LYS D 86 -6.82 -4.41 23.69
N PHE D 87 -5.51 -4.24 23.85
CA PHE D 87 -4.70 -3.79 22.75
C PHE D 87 -4.25 -4.97 21.89
N GLN D 88 -5.01 -5.16 20.81
CA GLN D 88 -4.83 -6.28 19.90
C GLN D 88 -5.56 -5.96 18.61
N GLU D 89 -5.57 -6.89 17.66
CA GLU D 89 -6.20 -6.66 16.38
C GLU D 89 -7.70 -6.97 16.39
N PHE D 90 -8.16 -7.80 17.35
CA PHE D 90 -9.60 -8.22 17.48
C PHE D 90 -10.49 -7.48 18.51
N SER D 91 -11.53 -6.79 18.02
CA SER D 91 -12.48 -6.03 18.86
C SER D 91 -13.91 -6.16 18.36
N PRO D 92 -14.87 -6.25 19.28
CA PRO D 92 -16.26 -6.12 18.82
C PRO D 92 -16.60 -4.81 18.12
N ASN D 93 -15.70 -3.82 18.09
CA ASN D 93 -15.89 -2.56 17.33
C ASN D 93 -15.89 -2.90 15.84
N LEU D 94 -16.88 -2.41 15.12
CA LEU D 94 -17.06 -2.86 13.75
C LEU D 94 -16.59 -1.83 12.71
N TRP D 95 -15.70 -0.94 13.13
CA TRP D 95 -15.32 0.15 12.28
C TRP D 95 -13.84 0.06 12.00
N GLY D 96 -13.30 -1.14 12.12
CA GLY D 96 -11.92 -1.38 11.69
C GLY D 96 -10.86 -0.63 12.50
N LEU D 97 -11.21 -0.36 13.76
CA LEU D 97 -10.33 0.32 14.70
C LEU D 97 -9.71 -0.69 15.67
N GLU D 98 -8.39 -0.82 15.55
CA GLU D 98 -7.56 -1.78 16.30
C GLU D 98 -6.29 -1.07 16.86
N PHE D 99 -5.41 -1.84 17.50
CA PHE D 99 -4.21 -1.31 18.13
C PHE D 99 -2.98 -2.07 17.68
N GLN D 100 -1.89 -1.33 17.51
CA GLN D 100 -0.62 -1.90 17.00
C GLN D 100 0.64 -1.19 17.59
N LYS D 101 1.73 -1.96 17.78
CA LYS D 101 2.96 -1.44 18.38
C LYS D 101 3.37 -0.14 17.72
N ASN D 102 4.17 0.64 18.46
CA ASN D 102 4.82 1.83 17.93
C ASN D 102 3.85 2.66 17.07
N LYS D 103 2.65 2.85 17.62
CA LYS D 103 1.70 3.81 17.08
C LYS D 103 1.19 4.59 18.26
N ASP D 104 0.65 5.77 17.98
CA ASP D 104 0.02 6.65 19.00
C ASP D 104 -1.47 6.80 18.71
N TYR D 105 -2.27 6.71 19.77
CA TYR D 105 -3.72 6.79 19.65
C TYR D 105 -4.14 7.85 20.67
N TYR D 106 -5.12 8.68 20.27
CA TYR D 106 -5.54 9.92 20.99
C TYR D 106 -7.01 9.88 21.39
N ILE D 107 -7.28 9.85 22.70
CA ILE D 107 -8.66 9.77 23.24
C ILE D 107 -9.01 11.05 23.96
N ILE D 108 -10.11 11.70 23.59
CA ILE D 108 -10.49 12.98 24.21
C ILE D 108 -12.02 13.12 24.40
N SER D 109 -12.43 14.27 24.95
CA SER D 109 -13.80 14.81 24.80
C SER D 109 -13.75 16.32 24.56
N THR D 110 -14.60 16.80 23.64
CA THR D 110 -14.82 18.24 23.46
C THR D 110 -16.04 18.66 24.29
N SER D 111 -16.64 17.69 25.01
CA SER D 111 -17.76 17.96 25.91
C SER D 111 -17.33 19.01 26.95
N ASN D 112 -18.27 19.88 27.33
CA ASN D 112 -18.05 20.88 28.39
C ASN D 112 -18.38 20.36 29.78
N GLY D 113 -18.97 19.16 29.86
CA GLY D 113 -19.17 18.50 31.15
C GLY D 113 -20.60 18.61 31.61
N SER D 114 -21.26 19.67 31.23
CA SER D 114 -22.68 19.80 31.54
C SER D 114 -23.50 18.95 30.56
N LEU D 115 -24.76 18.73 30.93
CA LEU D 115 -25.69 18.02 30.08
C LEU D 115 -26.00 18.88 28.88
N GLU D 116 -25.78 20.17 29.03
CA GLU D 116 -26.16 21.14 28.00
C GLU D 116 -25.14 21.23 26.90
N GLY D 117 -23.88 20.97 27.20
CA GLY D 117 -22.81 21.06 26.22
C GLY D 117 -22.19 19.73 25.85
N LEU D 118 -22.86 18.63 26.22
CA LEU D 118 -22.34 17.26 26.03
C LEU D 118 -21.88 17.00 24.59
N ASP D 119 -22.65 17.51 23.62
CA ASP D 119 -22.39 17.26 22.22
C ASP D 119 -21.60 18.43 21.58
N ASN D 120 -21.03 19.32 22.39
CA ASN D 120 -20.16 20.41 21.86
C ASN D 120 -19.07 19.73 21.05
N GLN D 121 -18.96 20.05 19.76
CA GLN D 121 -18.01 19.34 18.88
C GLN D 121 -16.62 20.01 18.83
N GLU D 122 -16.45 21.07 19.64
CA GLU D 122 -15.30 21.94 19.52
C GLU D 122 -15.07 22.56 20.89
N GLY D 123 -13.80 22.60 21.31
CA GLY D 123 -13.40 23.17 22.61
C GLY D 123 -13.46 22.15 23.73
N GLY D 124 -14.31 22.42 24.72
CA GLY D 124 -14.54 21.50 25.82
C GLY D 124 -13.44 21.40 26.85
N VAL D 125 -13.43 20.26 27.55
CA VAL D 125 -12.49 19.99 28.62
C VAL D 125 -11.23 19.30 28.09
N CYS D 126 -11.16 19.06 26.79
CA CYS D 126 -9.92 18.65 26.10
C CYS D 126 -8.96 19.82 26.01
N GLN D 127 -9.52 21.01 25.80
CA GLN D 127 -8.78 22.22 25.42
C GLN D 127 -8.81 23.33 26.52
N THR D 128 -9.17 22.94 27.75
CA THR D 128 -9.36 23.91 28.85
C THR D 128 -9.02 23.27 30.17
N ARG D 129 -9.58 22.09 30.38
CA ARG D 129 -8.88 21.09 31.13
C ARG D 129 -8.26 20.17 30.06
N ALA D 130 -7.19 19.44 30.39
CA ALA D 130 -6.49 18.59 29.41
C ALA D 130 -7.06 17.17 29.43
N MET D 131 -8.38 17.08 29.43
CA MET D 131 -9.04 15.78 29.43
C MET D 131 -8.79 15.13 28.07
N LYS D 132 -7.67 14.42 28.00
CA LYS D 132 -7.18 13.76 26.77
C LYS D 132 -6.22 12.64 27.16
N ILE D 133 -6.53 11.38 26.82
CA ILE D 133 -5.56 10.36 27.05
C ILE D 133 -4.68 10.24 25.80
N LEU D 134 -3.38 10.22 26.04
CA LEU D 134 -2.41 9.81 25.04
C LEU D 134 -1.94 8.37 25.37
N MET D 135 -2.22 7.45 24.44
CA MET D 135 -1.82 6.08 24.61
C MET D 135 -0.60 5.79 23.76
N LYS D 136 0.58 5.72 24.39
CA LYS D 136 1.84 5.39 23.69
C LYS D 136 2.04 3.89 23.57
N VAL D 137 1.50 3.32 22.50
CA VAL D 137 1.41 1.86 22.40
C VAL D 137 2.79 1.27 22.07
N GLY D 138 3.09 0.08 22.58
CA GLY D 138 4.37 -0.58 22.32
C GLY D 138 5.54 0.08 23.02
#